data_7LSA
#
_entry.id   7LSA
#
_cell.length_a   46.977
_cell.length_b   97.960
_cell.length_c   167.089
_cell.angle_alpha   90.000
_cell.angle_beta   90.000
_cell.angle_gamma   90.000
#
_symmetry.space_group_name_H-M   'P 21 21 21'
#
loop_
_entity.id
_entity.type
_entity.pdbx_description
1 polymer Pullulanase
2 branched alpha-D-glucopyranose-(1-4)-alpha-D-glucopyranose-(1-4)-alpha-D-glucopyranose-(1-4)-alpha-D-glucopyranose-(1-4)-alpha-D-glucopyranose
3 branched alpha-D-glucopyranose-(1-4)-alpha-D-glucopyranose-(1-4)-alpha-D-glucopyranose
4 non-polymer GLYCEROL
5 non-polymer DI(HYDROXYETHYL)ETHER
6 non-polymer 'CALCIUM ION'
7 water water
#
_entity_poly.entity_id   1
_entity_poly.type   'polypeptide(L)'
_entity_poly.pdbx_seq_one_letter_code
;MRTTKKIVSAVLAACMLASTAVVSSFAATADDSSAVSSDYARDNSYTKAAEDIDAQYAYSGNDLGVTYTKDATTFKVWSP
TATGVKLNIFTKGSDDEQGASKVASYTLEKMLVDGEWNGVWTITLVGEWKDYYYTYSVTTTDTTHIGSDATKTYETQDVY
STATGVNGKRSMIVDLDETDPEGWSNDSHVLLDKSTKSSVWELHIKDFSYDKASGVSDANRGKYLAFTENGTTLNGEGKV
STCIDYLKELGVTTVQLNPFYDFQSVNEAGDDSQFNWGYDPVNYNVPEGSYSSNPYDGKVRIKECKEMIKALHDAGISVV
MDVVYNHTYSTDSCFQYTVPNYYYRMKTTGAFSDGSGCGNEGATERAMYRQYVIDSLKYWVNEYHVDGFRFDLMGLMDVE
TMNMAREALDQIDPRITMWGEGWAGGDSYHPTNTCSGTKFYPATQANASRLSDRIAIFNDGIRDGIKGSAMDISDVGFIQ
GSKSSAKGVSYGVRANSSGTYKWKAQAPSQCVTYDACHDNATLYDQIIASTGLADYGERNSEAVKMNRLASAIIYTSQGI
SFTLAGEEMARSKDGDTNSYKSAANLNMIKWQNVVDYADVVSYYKGMMQIKSAFSPLTAMDNSYADKYTFTKKVSASTNQ
ISFTIQNDVEGEWNKMAVIYNNATTAADVTLSDTSVTDWVVIANGETAGLDSLGEVTGSTFTVPARSAIVAVDKAGYESA
GIHSSKGKVKVNYVYEATGEKLEDSVILQGSVGSGYVTVPSAVIPDTYIVSRIGGNAEGKYTSDMQEVTYYYTDYIP
;
_entity_poly.pdbx_strand_id   A
#
loop_
_chem_comp.id
_chem_comp.type
_chem_comp.name
_chem_comp.formula
CA non-polymer 'CALCIUM ION' 'Ca 2'
GLC D-saccharide, alpha linking alpha-D-glucopyranose 'C6 H12 O6'
GOL non-polymer GLYCEROL 'C3 H8 O3'
PEG non-polymer DI(HYDROXYETHYL)ETHER 'C4 H10 O3'
#
# COMPACT_ATOMS: atom_id res chain seq x y z
N SER A 38 -7.42 -21.55 -10.69
CA SER A 38 -6.31 -22.42 -11.21
C SER A 38 -5.66 -21.74 -12.42
N ASP A 39 -4.40 -22.11 -12.69
CA ASP A 39 -3.73 -21.72 -13.92
C ASP A 39 -3.53 -22.97 -14.77
N TYR A 40 -3.60 -22.79 -16.10
CA TYR A 40 -3.56 -23.89 -17.05
C TYR A 40 -2.50 -23.58 -18.10
N ALA A 41 -1.60 -24.55 -18.34
CA ALA A 41 -0.66 -24.51 -19.45
C ALA A 41 -1.35 -25.08 -20.70
N ARG A 42 -1.62 -24.21 -21.68
CA ARG A 42 -2.23 -24.61 -22.95
C ARG A 42 -1.58 -23.81 -24.08
N ASP A 43 -1.02 -24.53 -25.06
CA ASP A 43 -0.41 -23.94 -26.23
C ASP A 43 -1.42 -24.03 -27.39
N ASN A 44 -1.50 -22.97 -28.19
CA ASN A 44 -2.49 -22.87 -29.24
C ASN A 44 -1.91 -21.98 -30.36
N SER A 45 -2.71 -21.74 -31.40
CA SER A 45 -2.29 -20.95 -32.56
C SER A 45 -1.85 -19.54 -32.13
N TYR A 46 -2.52 -18.97 -31.11
CA TYR A 46 -2.21 -17.61 -30.64
C TYR A 46 -0.84 -17.58 -29.96
N THR A 47 -0.54 -18.56 -29.10
CA THR A 47 0.71 -18.58 -28.34
C THR A 47 1.88 -18.89 -29.29
N LYS A 48 1.67 -19.83 -30.23
CA LYS A 48 2.69 -20.17 -31.23
C LYS A 48 3.03 -18.92 -32.09
N ALA A 49 2.00 -18.19 -32.51
CA ALA A 49 2.18 -17.01 -33.36
C ALA A 49 2.98 -15.94 -32.61
N ALA A 50 2.64 -15.74 -31.32
CA ALA A 50 3.27 -14.72 -30.51
C ALA A 50 4.75 -15.08 -30.24
N GLU A 51 5.03 -16.37 -30.06
CA GLU A 51 6.38 -16.85 -29.82
C GLU A 51 7.25 -16.61 -31.07
N ASP A 52 6.66 -16.86 -32.24
CA ASP A 52 7.37 -16.66 -33.51
C ASP A 52 7.65 -15.18 -33.76
N ILE A 53 6.70 -14.32 -33.36
CA ILE A 53 6.87 -12.87 -33.42
C ILE A 53 8.05 -12.45 -32.52
N ASP A 54 8.10 -12.99 -31.29
CA ASP A 54 9.16 -12.67 -30.33
C ASP A 54 10.53 -13.06 -30.91
N ALA A 55 10.63 -14.24 -31.55
CA ALA A 55 11.90 -14.75 -32.09
C ALA A 55 12.43 -13.81 -33.19
N GLN A 56 11.54 -13.30 -34.04
CA GLN A 56 11.94 -12.52 -35.21
C GLN A 56 12.03 -11.02 -34.89
N TYR A 57 11.12 -10.52 -34.04
CA TYR A 57 10.86 -9.08 -33.95
C TYR A 57 11.09 -8.49 -32.56
N ALA A 58 11.41 -9.29 -31.53
CA ALA A 58 11.68 -8.70 -30.20
C ALA A 58 12.69 -7.56 -30.36
N TYR A 59 12.40 -6.41 -29.73
CA TYR A 59 13.17 -5.17 -29.89
C TYR A 59 13.57 -4.62 -28.52
N SER A 60 14.87 -4.33 -28.35
CA SER A 60 15.42 -3.93 -27.06
C SER A 60 16.10 -2.56 -27.18
N GLY A 61 15.60 -1.72 -28.08
CA GLY A 61 16.27 -0.51 -28.51
C GLY A 61 16.16 0.63 -27.50
N ASN A 62 15.14 0.58 -26.64
CA ASN A 62 15.03 1.49 -25.50
C ASN A 62 14.47 2.87 -25.89
N ASP A 63 13.92 3.00 -27.10
CA ASP A 63 13.53 4.32 -27.61
C ASP A 63 12.13 4.28 -28.25
N LEU A 64 11.29 3.33 -27.83
CA LEU A 64 9.90 3.32 -28.28
C LEU A 64 9.17 4.50 -27.60
N GLY A 65 8.20 5.06 -28.32
CA GLY A 65 7.52 6.28 -27.93
C GLY A 65 8.21 7.51 -28.52
N VAL A 66 8.28 8.57 -27.74
CA VAL A 66 8.78 9.87 -28.16
C VAL A 66 10.19 10.09 -27.62
N THR A 67 11.09 10.52 -28.51
CA THR A 67 12.41 11.02 -28.16
C THR A 67 12.46 12.50 -28.55
N TYR A 68 12.23 13.38 -27.58
CA TYR A 68 12.13 14.82 -27.80
C TYR A 68 13.50 15.50 -27.66
N THR A 69 13.77 16.44 -28.58
CA THR A 69 14.76 17.51 -28.40
C THR A 69 14.18 18.79 -29.03
N LYS A 70 14.77 19.94 -28.69
CA LYS A 70 14.37 21.25 -29.25
C LYS A 70 14.39 21.21 -30.78
N ASP A 71 15.40 20.52 -31.34
CA ASP A 71 15.70 20.58 -32.78
C ASP A 71 14.88 19.54 -33.56
N ALA A 72 14.42 18.48 -32.90
CA ALA A 72 13.58 17.47 -33.55
C ALA A 72 13.00 16.48 -32.52
N THR A 73 11.84 15.91 -32.88
CA THR A 73 11.18 14.85 -32.13
C THR A 73 11.08 13.60 -33.00
N THR A 74 11.46 12.45 -32.43
CA THR A 74 11.34 11.15 -33.10
C THR A 74 10.27 10.31 -32.40
N PHE A 75 9.46 9.62 -33.22
CA PHE A 75 8.36 8.75 -32.81
C PHE A 75 8.63 7.34 -33.31
N LYS A 76 8.46 6.35 -32.41
CA LYS A 76 8.71 4.95 -32.70
C LYS A 76 7.59 4.08 -32.13
N VAL A 77 7.07 3.18 -32.97
CA VAL A 77 5.99 2.28 -32.63
C VAL A 77 6.41 0.86 -33.03
N TRP A 78 6.34 -0.07 -32.07
CA TRP A 78 6.58 -1.48 -32.32
C TRP A 78 5.27 -2.15 -32.74
N SER A 79 5.19 -2.55 -34.02
CA SER A 79 4.01 -3.25 -34.55
C SER A 79 4.40 -4.13 -35.73
N PRO A 80 4.78 -5.40 -35.50
CA PRO A 80 5.03 -6.35 -36.58
C PRO A 80 3.79 -6.74 -37.40
N THR A 81 2.60 -6.49 -36.86
CA THR A 81 1.31 -6.87 -37.47
C THR A 81 0.78 -5.76 -38.39
N ALA A 82 1.35 -4.56 -38.28
CA ALA A 82 0.86 -3.37 -38.98
C ALA A 82 1.32 -3.37 -40.44
N THR A 83 0.44 -2.88 -41.32
CA THR A 83 0.79 -2.61 -42.72
C THR A 83 1.12 -1.12 -42.88
N GLY A 84 0.73 -0.30 -41.90
CA GLY A 84 1.03 1.13 -41.90
C GLY A 84 0.68 1.80 -40.58
N VAL A 85 1.42 2.86 -40.25
CA VAL A 85 1.17 3.66 -39.05
C VAL A 85 1.23 5.14 -39.45
N LYS A 86 0.16 5.88 -39.10
CA LYS A 86 0.04 7.30 -39.38
C LYS A 86 0.06 8.06 -38.04
N LEU A 87 0.87 9.13 -37.98
CA LEU A 87 0.97 10.03 -36.82
C LEU A 87 0.06 11.24 -37.05
N ASN A 88 -0.78 11.56 -36.06
CA ASN A 88 -1.74 12.66 -36.13
C ASN A 88 -1.38 13.70 -35.06
N ILE A 89 -1.16 14.96 -35.47
CA ILE A 89 -0.80 16.02 -34.52
C ILE A 89 -2.00 16.95 -34.32
N PHE A 90 -2.16 17.37 -33.06
CA PHE A 90 -3.25 18.22 -32.58
C PHE A 90 -2.66 19.32 -31.68
N THR A 91 -3.39 20.42 -31.55
CA THR A 91 -2.98 21.54 -30.68
C THR A 91 -3.42 21.30 -29.24
N LYS A 92 -4.47 20.47 -29.04
CA LYS A 92 -5.05 20.21 -27.73
C LYS A 92 -5.41 18.72 -27.58
N GLY A 93 -5.52 18.28 -26.32
CA GLY A 93 -5.78 16.89 -25.95
C GLY A 93 -7.22 16.45 -26.22
N SER A 94 -8.13 17.42 -26.36
CA SER A 94 -9.54 17.17 -26.71
C SER A 94 -10.06 18.30 -27.59
N ASP A 95 -11.17 18.03 -28.29
CA ASP A 95 -11.69 18.92 -29.34
C ASP A 95 -12.46 20.11 -28.74
N ASP A 96 -12.91 19.98 -27.49
CA ASP A 96 -13.77 20.99 -26.86
C ASP A 96 -12.96 22.19 -26.35
N GLU A 97 -11.65 22.00 -26.14
CA GLU A 97 -10.80 23.05 -25.55
C GLU A 97 -10.61 24.20 -26.54
N GLN A 98 -10.42 25.41 -26.02
CA GLN A 98 -10.20 26.58 -26.86
C GLN A 98 -8.85 26.41 -27.57
N GLY A 99 -8.84 26.71 -28.87
CA GLY A 99 -7.66 26.59 -29.71
C GLY A 99 -7.44 25.17 -30.23
N ALA A 100 -8.39 24.27 -29.98
CA ALA A 100 -8.30 22.87 -30.42
C ALA A 100 -8.39 22.80 -31.95
N SER A 101 -7.44 22.09 -32.58
CA SER A 101 -7.45 21.87 -34.03
C SER A 101 -6.48 20.75 -34.41
N LYS A 102 -6.75 20.10 -35.54
CA LYS A 102 -5.83 19.16 -36.17
C LYS A 102 -4.73 19.95 -36.87
N VAL A 103 -3.46 19.60 -36.60
CA VAL A 103 -2.33 20.27 -37.25
C VAL A 103 -2.06 19.58 -38.60
N ALA A 104 -1.66 18.30 -38.53
CA ALA A 104 -1.29 17.53 -39.71
C ALA A 104 -1.14 16.05 -39.34
N SER A 105 -1.00 15.21 -40.37
CA SER A 105 -0.70 13.79 -40.25
C SER A 105 0.54 13.46 -41.09
N TYR A 106 1.26 12.41 -40.66
CA TYR A 106 2.52 11.99 -41.25
C TYR A 106 2.57 10.45 -41.33
N THR A 107 3.23 9.95 -42.39
CA THR A 107 3.43 8.53 -42.58
C THR A 107 4.72 8.07 -41.88
N LEU A 108 4.59 7.15 -40.91
CA LEU A 108 5.76 6.45 -40.34
C LEU A 108 6.25 5.42 -41.37
N GLU A 109 7.55 5.09 -41.29
CA GLU A 109 8.22 4.18 -42.20
C GLU A 109 8.78 2.99 -41.42
N LYS A 110 8.87 1.84 -42.07
CA LYS A 110 9.49 0.66 -41.49
C LYS A 110 10.97 0.96 -41.19
N MET A 111 11.39 0.65 -39.97
CA MET A 111 12.76 0.80 -39.53
C MET A 111 13.56 -0.42 -40.03
N LEU A 112 14.54 -0.15 -40.89
CA LEU A 112 15.35 -1.20 -41.51
C LEU A 112 16.75 -1.18 -40.89
N VAL A 113 17.26 -2.38 -40.58
CA VAL A 113 18.63 -2.58 -40.09
C VAL A 113 19.30 -3.60 -41.02
N ASP A 114 20.29 -3.13 -41.80
CA ASP A 114 20.89 -3.88 -42.91
C ASP A 114 19.80 -4.38 -43.87
N GLY A 115 18.81 -3.51 -44.14
CA GLY A 115 17.73 -3.79 -45.11
C GLY A 115 16.72 -4.82 -44.60
N GLU A 116 16.75 -5.10 -43.29
CA GLU A 116 15.84 -6.07 -42.66
C GLU A 116 14.95 -5.30 -41.66
N TRP A 117 13.64 -5.53 -41.74
CA TRP A 117 12.67 -4.87 -40.86
C TRP A 117 12.77 -5.47 -39.44
N ASN A 118 12.87 -4.60 -38.43
CA ASN A 118 13.00 -5.02 -37.03
C ASN A 118 11.63 -4.95 -36.32
N GLY A 119 10.56 -4.67 -37.07
CA GLY A 119 9.19 -4.63 -36.54
C GLY A 119 8.79 -3.25 -36.05
N VAL A 120 9.71 -2.28 -36.12
CA VAL A 120 9.48 -0.93 -35.61
C VAL A 120 9.13 0.02 -36.77
N TRP A 121 8.26 0.98 -36.45
CA TRP A 121 7.88 2.09 -37.31
C TRP A 121 8.46 3.38 -36.72
N THR A 122 8.94 4.28 -37.58
CA THR A 122 9.62 5.48 -37.11
C THR A 122 9.36 6.67 -38.04
N ILE A 123 9.45 7.87 -37.46
CA ILE A 123 9.54 9.13 -38.20
C ILE A 123 10.18 10.18 -37.28
N THR A 124 10.90 11.12 -37.89
CA THR A 124 11.49 12.25 -37.18
C THR A 124 10.94 13.55 -37.77
N LEU A 125 10.26 14.34 -36.92
CA LEU A 125 9.78 15.67 -37.27
C LEU A 125 10.82 16.71 -36.84
N VAL A 126 11.32 17.49 -37.80
CA VAL A 126 12.35 18.50 -37.57
C VAL A 126 11.69 19.78 -37.06
N GLY A 127 12.36 20.46 -36.12
CA GLY A 127 11.87 21.66 -35.48
C GLY A 127 11.43 21.42 -34.04
N GLU A 128 10.71 22.40 -33.50
CA GLU A 128 10.25 22.45 -32.11
C GLU A 128 8.79 21.98 -32.04
N TRP A 129 8.55 20.84 -31.39
CA TRP A 129 7.23 20.18 -31.34
C TRP A 129 6.73 19.98 -29.91
N LYS A 130 7.37 20.62 -28.92
CA LYS A 130 6.96 20.41 -27.54
C LYS A 130 5.57 21.02 -27.34
N ASP A 131 4.76 20.32 -26.53
CA ASP A 131 3.43 20.74 -26.05
C ASP A 131 2.35 20.53 -27.12
N TYR A 132 2.69 19.90 -28.25
CA TYR A 132 1.68 19.40 -29.20
C TYR A 132 1.19 18.03 -28.69
N TYR A 133 -0.03 17.67 -29.09
CA TYR A 133 -0.65 16.39 -28.74
C TYR A 133 -0.67 15.50 -29.99
N TYR A 134 -0.78 14.18 -29.79
CA TYR A 134 -0.73 13.26 -30.92
C TYR A 134 -1.45 11.94 -30.61
N THR A 135 -1.85 11.28 -31.70
CA THR A 135 -2.29 9.89 -31.72
C THR A 135 -1.63 9.19 -32.92
N TYR A 136 -1.70 7.86 -32.92
CA TYR A 136 -1.38 7.06 -34.09
C TYR A 136 -2.67 6.49 -34.66
N SER A 137 -2.72 6.35 -35.98
CA SER A 137 -3.70 5.52 -36.68
C SER A 137 -2.97 4.27 -37.18
N VAL A 138 -3.26 3.12 -36.56
CA VAL A 138 -2.55 1.89 -36.85
C VAL A 138 -3.45 1.00 -37.71
N THR A 139 -2.97 0.67 -38.91
CA THR A 139 -3.60 -0.30 -39.80
C THR A 139 -2.85 -1.63 -39.64
N THR A 140 -3.57 -2.66 -39.17
CA THR A 140 -2.92 -3.86 -38.65
C THR A 140 -3.80 -5.09 -38.80
N THR A 141 -3.15 -6.24 -38.96
CA THR A 141 -3.75 -7.55 -38.77
C THR A 141 -3.64 -7.92 -37.29
N ASP A 142 -4.15 -9.11 -36.93
CA ASP A 142 -3.87 -9.71 -35.64
C ASP A 142 -2.62 -10.59 -35.79
N THR A 143 -2.19 -11.20 -34.68
CA THR A 143 -0.95 -11.97 -34.62
C THR A 143 -1.00 -13.23 -35.50
N THR A 144 -2.21 -13.73 -35.79
CA THR A 144 -2.37 -15.02 -36.49
C THR A 144 -2.68 -14.82 -37.98
N HIS A 145 -2.65 -13.57 -38.48
CA HIS A 145 -2.96 -13.27 -39.88
C HIS A 145 -1.97 -12.26 -40.47
N ILE A 146 -0.71 -12.30 -40.00
CA ILE A 146 0.32 -11.40 -40.49
C ILE A 146 0.57 -11.69 -41.97
N GLY A 147 0.69 -10.61 -42.76
CA GLY A 147 0.92 -10.70 -44.20
C GLY A 147 -0.38 -10.78 -45.00
N SER A 148 -1.51 -11.00 -44.32
CA SER A 148 -2.82 -11.05 -44.96
C SER A 148 -3.31 -9.61 -45.20
N ASP A 149 -4.45 -9.51 -45.91
CA ASP A 149 -5.12 -8.22 -46.11
C ASP A 149 -6.28 -8.07 -45.11
N ALA A 150 -6.33 -8.94 -44.08
CA ALA A 150 -7.34 -8.87 -43.03
C ALA A 150 -6.93 -7.79 -42.01
N THR A 151 -7.10 -6.53 -42.40
CA THR A 151 -6.64 -5.41 -41.59
C THR A 151 -7.83 -4.55 -41.15
N LYS A 152 -7.64 -3.86 -40.02
CA LYS A 152 -8.51 -2.82 -39.53
C LYS A 152 -7.61 -1.66 -39.07
N THR A 153 -8.16 -0.44 -39.06
CA THR A 153 -7.43 0.75 -38.64
C THR A 153 -8.02 1.25 -37.31
N TYR A 154 -7.14 1.48 -36.34
CA TYR A 154 -7.49 1.92 -35.00
C TYR A 154 -6.74 3.21 -34.67
N GLU A 155 -7.44 4.19 -34.08
CA GLU A 155 -6.77 5.38 -33.56
C GLU A 155 -6.48 5.17 -32.08
N THR A 156 -5.25 5.49 -31.66
CA THR A 156 -4.83 5.23 -30.27
C THR A 156 -3.76 6.24 -29.83
N GLN A 157 -3.73 6.51 -28.51
CA GLN A 157 -2.61 7.18 -27.88
C GLN A 157 -1.41 6.21 -27.87
N ASP A 158 -0.21 6.75 -27.65
CA ASP A 158 1.04 6.01 -27.66
C ASP A 158 1.03 5.00 -26.52
N VAL A 159 1.45 3.77 -26.82
CA VAL A 159 1.64 2.71 -25.84
C VAL A 159 2.63 3.19 -24.78
N TYR A 160 3.62 3.98 -25.20
CA TYR A 160 4.71 4.49 -24.38
C TYR A 160 4.50 5.97 -24.05
N SER A 161 3.24 6.39 -23.89
CA SER A 161 2.90 7.75 -23.48
C SER A 161 3.64 8.10 -22.17
N THR A 162 4.23 9.30 -22.12
CA THR A 162 4.74 9.87 -20.85
C THR A 162 3.87 11.06 -20.42
N ALA A 163 2.93 11.47 -21.28
CA ALA A 163 1.97 12.52 -20.98
C ALA A 163 0.77 12.37 -21.91
N THR A 164 -0.40 12.75 -21.39
CA THR A 164 -1.65 12.81 -22.16
C THR A 164 -2.44 14.05 -21.75
N GLY A 165 -3.41 14.41 -22.60
CA GLY A 165 -4.43 15.36 -22.26
C GLY A 165 -5.51 14.73 -21.42
N VAL A 166 -6.70 15.34 -21.42
CA VAL A 166 -7.80 14.94 -20.57
C VAL A 166 -8.28 13.54 -20.97
N ASN A 167 -8.45 12.69 -19.96
CA ASN A 167 -9.02 11.33 -20.06
C ASN A 167 -8.15 10.43 -20.99
N GLY A 168 -6.87 10.76 -21.13
CA GLY A 168 -5.83 9.84 -21.62
C GLY A 168 -5.98 9.40 -23.06
N LYS A 169 -6.68 10.20 -23.90
CA LYS A 169 -7.02 9.77 -25.27
C LYS A 169 -6.00 10.26 -26.30
N ARG A 170 -5.29 11.36 -25.99
CA ARG A 170 -4.22 11.86 -26.85
C ARG A 170 -2.94 12.03 -26.03
N SER A 171 -1.84 11.49 -26.58
CA SER A 171 -0.51 11.67 -26.03
C SER A 171 -0.06 13.13 -26.20
N MET A 172 0.91 13.55 -25.38
CA MET A 172 1.49 14.89 -25.44
C MET A 172 3.02 14.76 -25.55
N ILE A 173 3.60 15.61 -26.40
CA ILE A 173 5.05 15.75 -26.55
C ILE A 173 5.54 16.71 -25.47
N VAL A 174 6.38 16.23 -24.55
CA VAL A 174 6.79 17.04 -23.40
C VAL A 174 8.31 16.99 -23.23
N ASP A 175 8.87 18.14 -22.86
CA ASP A 175 10.19 18.20 -22.28
C ASP A 175 10.06 17.91 -20.78
N LEU A 176 10.40 16.70 -20.37
CA LEU A 176 10.18 16.23 -18.99
C LEU A 176 10.95 17.09 -17.98
N ASP A 177 12.05 17.72 -18.41
CA ASP A 177 12.81 18.62 -17.53
C ASP A 177 11.94 19.82 -17.11
N GLU A 178 10.99 20.22 -17.96
CA GLU A 178 10.07 21.34 -17.66
C GLU A 178 9.01 20.94 -16.62
N THR A 179 8.86 19.64 -16.34
CA THR A 179 7.87 19.15 -15.39
C THR A 179 8.47 18.99 -13.98
N ASP A 180 9.77 19.25 -13.84
CA ASP A 180 10.46 19.08 -12.57
C ASP A 180 10.12 20.24 -11.65
N PRO A 181 9.62 19.98 -10.42
CA PRO A 181 9.38 21.06 -9.45
C PRO A 181 10.71 21.62 -8.92
N GLU A 182 10.64 22.78 -8.24
CA GLU A 182 11.82 23.39 -7.64
C GLU A 182 12.43 22.41 -6.64
N GLY A 183 13.76 22.22 -6.73
CA GLY A 183 14.52 21.37 -5.80
C GLY A 183 14.52 19.90 -6.19
N TRP A 184 13.90 19.56 -7.33
CA TRP A 184 13.72 18.18 -7.74
C TRP A 184 15.07 17.49 -7.97
N SER A 185 16.06 18.25 -8.45
CA SER A 185 17.41 17.71 -8.69
C SER A 185 18.08 17.33 -7.37
N ASN A 186 17.64 17.94 -6.25
CA ASN A 186 18.15 17.61 -4.91
C ASN A 186 17.25 16.61 -4.19
N ASP A 187 16.16 16.16 -4.83
CA ASP A 187 15.30 15.15 -4.24
C ASP A 187 15.91 13.76 -4.45
N SER A 188 16.08 13.02 -3.34
CA SER A 188 16.67 11.70 -3.33
C SER A 188 15.60 10.67 -2.99
N HIS A 189 15.83 9.42 -3.42
CA HIS A 189 15.09 8.27 -2.93
C HIS A 189 15.18 8.23 -1.40
N VAL A 190 14.07 7.80 -0.78
CA VAL A 190 14.03 7.43 0.62
C VAL A 190 13.87 5.91 0.67
N LEU A 191 14.94 5.21 1.06
CA LEU A 191 15.02 3.77 1.04
C LEU A 191 15.29 3.24 2.45
N LEU A 192 14.62 2.15 2.81
CA LEU A 192 14.84 1.45 4.07
C LEU A 192 16.06 0.53 3.92
N ASP A 193 16.92 0.53 4.95
CA ASP A 193 18.08 -0.36 5.03
C ASP A 193 17.62 -1.80 4.81
N LYS A 194 16.47 -2.13 5.43
CA LYS A 194 15.80 -3.43 5.37
C LYS A 194 14.30 -3.21 5.16
N SER A 195 13.71 -3.94 4.22
CA SER A 195 12.27 -3.87 3.96
C SER A 195 11.49 -4.17 5.25
N THR A 196 12.02 -5.11 6.04
CA THR A 196 11.37 -5.59 7.26
C THR A 196 11.45 -4.57 8.41
N LYS A 197 12.17 -3.44 8.19
CA LYS A 197 12.14 -2.32 9.15
C LYS A 197 11.02 -1.33 8.80
N SER A 198 10.18 -1.64 7.79
CA SER A 198 9.15 -0.73 7.32
C SER A 198 7.96 -0.68 8.28
N SER A 199 7.23 0.44 8.24
CA SER A 199 5.84 0.55 8.66
C SER A 199 5.05 1.24 7.55
N VAL A 200 4.19 0.47 6.86
CA VAL A 200 3.53 0.87 5.62
C VAL A 200 2.09 1.33 5.92
N TRP A 201 1.76 2.51 5.38
CA TRP A 201 0.44 3.14 5.47
C TRP A 201 -0.18 3.12 4.05
N GLU A 202 -1.19 2.28 3.83
CA GLU A 202 -1.80 2.14 2.49
C GLU A 202 -2.88 3.22 2.30
N LEU A 203 -2.64 4.12 1.34
CA LEU A 203 -3.38 5.38 1.25
C LEU A 203 -3.86 5.65 -0.18
N HIS A 204 -5.13 6.06 -0.29
CA HIS A 204 -5.73 6.61 -1.52
C HIS A 204 -5.60 8.14 -1.50
N ILE A 205 -5.21 8.72 -2.64
CA ILE A 205 -4.89 10.16 -2.70
C ILE A 205 -6.13 11.02 -2.39
N LYS A 206 -7.32 10.62 -2.88
CA LYS A 206 -8.54 11.37 -2.55
C LYS A 206 -8.84 11.21 -1.04
N ASP A 207 -8.78 9.98 -0.54
CA ASP A 207 -9.10 9.68 0.87
C ASP A 207 -8.27 10.55 1.82
N PHE A 208 -7.03 10.86 1.43
CA PHE A 208 -6.05 11.52 2.29
C PHE A 208 -6.59 12.85 2.82
N SER A 209 -7.29 13.62 1.98
CA SER A 209 -7.55 15.03 2.28
C SER A 209 -8.93 15.52 1.80
N TYR A 210 -9.80 14.63 1.33
CA TYR A 210 -11.12 15.06 0.80
C TYR A 210 -11.99 15.64 1.93
N ASP A 211 -11.78 15.16 3.16
CA ASP A 211 -12.50 15.64 4.34
C ASP A 211 -12.11 17.10 4.59
N LYS A 212 -13.10 18.00 4.63
CA LYS A 212 -12.89 19.42 4.93
C LYS A 212 -12.18 19.59 6.28
N ALA A 213 -12.41 18.66 7.22
CA ALA A 213 -11.79 18.70 8.55
C ALA A 213 -10.27 18.43 8.49
N SER A 214 -9.76 17.98 7.33
CA SER A 214 -8.31 17.77 7.11
C SER A 214 -7.50 19.05 7.34
N GLY A 215 -8.15 20.21 7.17
CA GLY A 215 -7.50 21.50 7.25
C GLY A 215 -6.66 21.80 6.01
N VAL A 216 -6.83 21.00 4.95
CA VAL A 216 -6.17 21.26 3.67
C VAL A 216 -7.01 22.32 2.91
N SER A 217 -6.32 23.18 2.16
CA SER A 217 -6.94 24.25 1.40
C SER A 217 -7.99 23.69 0.43
N ASP A 218 -8.99 24.51 0.11
CA ASP A 218 -10.09 24.14 -0.79
C ASP A 218 -9.54 23.60 -2.11
N ALA A 219 -8.50 24.23 -2.65
CA ALA A 219 -7.96 23.90 -3.99
C ALA A 219 -7.35 22.49 -4.02
N ASN A 220 -6.73 22.06 -2.93
CA ASN A 220 -5.85 20.88 -2.95
C ASN A 220 -6.48 19.66 -2.27
N ARG A 221 -7.67 19.81 -1.69
CA ARG A 221 -8.34 18.67 -1.05
C ARG A 221 -8.60 17.58 -2.10
N GLY A 222 -8.11 16.37 -1.80
CA GLY A 222 -8.28 15.19 -2.64
C GLY A 222 -7.32 15.16 -3.81
N LYS A 223 -6.26 15.96 -3.76
CA LYS A 223 -5.32 16.18 -4.87
C LYS A 223 -3.88 15.86 -4.45
N TYR A 224 -3.01 15.69 -5.46
CA TYR A 224 -1.57 15.51 -5.28
C TYR A 224 -0.98 16.58 -4.36
N LEU A 225 -1.41 17.83 -4.54
CA LEU A 225 -0.77 18.97 -3.85
C LEU A 225 -1.13 19.02 -2.37
N ALA A 226 -2.09 18.22 -1.90
CA ALA A 226 -2.44 18.18 -0.47
C ALA A 226 -1.21 17.83 0.37
N PHE A 227 -0.34 16.97 -0.19
CA PHE A 227 0.83 16.44 0.50
C PHE A 227 1.86 17.53 0.78
N THR A 228 1.80 18.64 0.03
CA THR A 228 2.77 19.75 0.14
C THR A 228 2.36 20.75 1.23
N GLU A 229 1.20 20.55 1.88
CA GLU A 229 0.68 21.49 2.87
C GLU A 229 1.13 21.08 4.29
N ASN A 230 2.09 21.84 4.82
CA ASN A 230 2.59 21.67 6.17
C ASN A 230 1.73 22.49 7.12
N GLY A 231 1.76 22.10 8.40
CA GLY A 231 1.05 22.80 9.45
C GLY A 231 -0.47 22.67 9.37
N THR A 232 -0.97 21.60 8.73
CA THR A 232 -2.42 21.37 8.68
C THR A 232 -2.89 20.84 10.03
N THR A 233 -4.06 21.32 10.48
CA THR A 233 -4.66 20.90 11.74
C THR A 233 -6.13 20.58 11.54
N LEU A 234 -6.72 19.85 12.50
CA LEU A 234 -8.12 19.48 12.46
C LEU A 234 -8.99 20.75 12.38
N ASN A 235 -9.82 20.81 11.34
CA ASN A 235 -10.71 21.94 11.04
C ASN A 235 -9.94 23.26 10.94
N GLY A 236 -8.62 23.18 10.71
CA GLY A 236 -7.73 24.34 10.67
C GLY A 236 -7.74 25.15 11.96
N GLU A 237 -8.02 24.51 13.09
CA GLU A 237 -8.22 25.20 14.39
C GLU A 237 -6.89 25.32 15.16
N GLY A 238 -5.84 24.62 14.69
CA GLY A 238 -4.47 24.86 15.12
C GLY A 238 -4.08 24.07 16.38
N LYS A 239 -4.89 23.07 16.73
CA LYS A 239 -4.76 22.37 18.02
C LYS A 239 -4.12 20.99 17.85
N VAL A 240 -4.41 20.29 16.74
CA VAL A 240 -3.89 18.94 16.54
C VAL A 240 -3.67 18.66 15.05
N SER A 241 -2.53 18.05 14.74
CA SER A 241 -2.03 17.92 13.37
C SER A 241 -2.86 16.90 12.59
N THR A 242 -2.98 17.16 11.29
CA THR A 242 -3.56 16.25 10.31
C THR A 242 -2.55 16.02 9.18
N CYS A 243 -2.92 15.14 8.25
CA CYS A 243 -2.26 14.92 6.97
C CYS A 243 -0.74 14.73 7.18
N ILE A 244 0.12 15.49 6.48
CA ILE A 244 1.54 15.14 6.41
C ILE A 244 2.19 15.29 7.79
N ASP A 245 1.80 16.31 8.55
CA ASP A 245 2.33 16.54 9.90
C ASP A 245 1.92 15.37 10.81
N TYR A 246 0.69 14.87 10.62
CA TYR A 246 0.19 13.74 11.38
C TYR A 246 1.07 12.51 11.10
N LEU A 247 1.43 12.29 9.83
CA LEU A 247 2.23 11.14 9.42
C LEU A 247 3.64 11.23 10.01
N LYS A 248 4.19 12.44 10.08
CA LYS A 248 5.50 12.66 10.71
C LYS A 248 5.45 12.25 12.20
N GLU A 249 4.38 12.67 12.88
CA GLU A 249 4.18 12.37 14.30
C GLU A 249 3.96 10.86 14.51
N LEU A 250 3.19 10.23 13.62
CA LEU A 250 2.86 8.79 13.74
C LEU A 250 4.13 7.94 13.56
N GLY A 251 5.01 8.37 12.63
CA GLY A 251 6.32 7.75 12.42
C GLY A 251 6.32 6.64 11.38
N VAL A 252 5.31 6.60 10.51
CA VAL A 252 5.31 5.60 9.43
C VAL A 252 6.55 5.83 8.56
N THR A 253 7.16 4.73 8.11
CA THR A 253 8.36 4.79 7.28
C THR A 253 7.96 5.01 5.81
N THR A 254 6.78 4.51 5.45
CA THR A 254 6.41 4.29 4.06
C THR A 254 4.93 4.59 3.83
N VAL A 255 4.63 5.27 2.72
CA VAL A 255 3.26 5.41 2.25
C VAL A 255 3.16 4.67 0.92
N GLN A 256 2.24 3.70 0.87
CA GLN A 256 1.87 3.01 -0.36
C GLN A 256 0.62 3.69 -0.92
N LEU A 257 0.74 4.21 -2.15
CA LEU A 257 -0.34 4.96 -2.79
C LEU A 257 -1.11 4.04 -3.74
N ASN A 258 -2.43 4.02 -3.56
CA ASN A 258 -3.36 3.38 -4.47
C ASN A 258 -3.16 3.99 -5.86
N PRO A 259 -3.61 3.31 -6.94
CA PRO A 259 -3.32 3.72 -8.31
C PRO A 259 -3.23 5.23 -8.61
N PHE A 260 -2.04 5.70 -9.01
CA PHE A 260 -1.87 7.06 -9.51
C PHE A 260 -1.22 7.08 -10.90
N TYR A 261 -1.07 5.90 -11.53
CA TYR A 261 -1.00 5.84 -13.01
C TYR A 261 -2.38 6.26 -13.54
N ASP A 262 -2.50 6.44 -14.86
CA ASP A 262 -3.75 6.93 -15.45
C ASP A 262 -4.75 5.78 -15.64
N PHE A 263 -5.90 5.88 -14.96
CA PHE A 263 -6.98 4.90 -15.02
C PHE A 263 -8.23 5.54 -15.67
N GLN A 264 -9.23 4.69 -15.96
CA GLN A 264 -10.38 5.04 -16.83
C GLN A 264 -11.55 5.63 -16.02
N SER A 265 -11.71 5.16 -14.77
CA SER A 265 -13.00 5.11 -14.07
C SER A 265 -13.38 6.44 -13.38
N VAL A 266 -12.58 7.49 -13.52
CA VAL A 266 -13.02 8.84 -13.13
C VAL A 266 -12.98 9.74 -14.39
N ASN A 267 -14.10 10.43 -14.67
CA ASN A 267 -14.16 11.41 -15.74
C ASN A 267 -13.46 12.68 -15.26
N GLU A 268 -12.30 12.97 -15.85
CA GLU A 268 -11.41 14.05 -15.39
C GLU A 268 -11.99 15.42 -15.77
N ALA A 269 -13.01 15.44 -16.63
CA ALA A 269 -13.73 16.66 -16.99
C ALA A 269 -15.04 16.77 -16.20
N GLY A 270 -15.26 15.85 -15.24
CA GLY A 270 -16.52 15.69 -14.52
C GLY A 270 -16.47 16.26 -13.11
N ASP A 271 -17.43 15.83 -12.28
CA ASP A 271 -17.64 16.38 -10.93
C ASP A 271 -16.55 15.91 -9.95
N ASP A 272 -16.22 16.77 -8.99
CA ASP A 272 -15.17 16.54 -7.99
C ASP A 272 -15.59 15.47 -6.97
N SER A 273 -16.86 15.05 -7.00
CA SER A 273 -17.40 14.08 -6.03
C SER A 273 -17.19 12.64 -6.49
N GLN A 274 -16.71 12.43 -7.72
CA GLN A 274 -16.47 11.09 -8.25
C GLN A 274 -15.38 10.40 -7.41
N PHE A 275 -15.49 9.08 -7.28
CA PHE A 275 -14.48 8.28 -6.58
C PHE A 275 -14.26 6.94 -7.30
N ASN A 276 -12.98 6.56 -7.45
CA ASN A 276 -12.60 5.20 -7.78
C ASN A 276 -11.20 4.90 -7.22
N TRP A 277 -10.99 3.66 -6.78
CA TRP A 277 -9.66 3.17 -6.40
C TRP A 277 -8.67 3.33 -7.56
N GLY A 278 -9.14 3.03 -8.78
CA GLY A 278 -8.37 3.25 -10.01
C GLY A 278 -7.68 2.01 -10.54
N TYR A 279 -8.22 0.82 -10.24
CA TYR A 279 -7.68 -0.47 -10.71
C TYR A 279 -8.18 -0.76 -12.13
N ASP A 280 -8.15 0.27 -12.99
CA ASP A 280 -8.72 0.27 -14.35
C ASP A 280 -7.73 0.96 -15.30
N PRO A 281 -6.55 0.36 -15.60
CA PRO A 281 -5.48 1.06 -16.29
C PRO A 281 -5.75 1.43 -17.75
N VAL A 282 -5.31 2.63 -18.13
CA VAL A 282 -5.40 3.18 -19.49
C VAL A 282 -3.99 3.53 -20.01
N ASN A 283 -3.23 4.30 -19.21
CA ASN A 283 -1.86 4.69 -19.53
C ASN A 283 -0.96 4.42 -18.32
N TYR A 284 -0.06 3.44 -18.46
CA TYR A 284 0.74 2.93 -17.34
C TYR A 284 1.82 3.94 -16.89
N ASN A 285 2.28 4.80 -17.80
CA ASN A 285 3.46 5.66 -17.55
C ASN A 285 3.07 7.13 -17.52
N VAL A 286 1.77 7.40 -17.33
CA VAL A 286 1.20 8.73 -17.19
C VAL A 286 0.50 8.81 -15.85
N PRO A 287 0.67 9.90 -15.06
CA PRO A 287 -0.11 10.07 -13.83
C PRO A 287 -1.61 10.26 -14.09
N GLU A 288 -2.43 9.85 -13.12
CA GLU A 288 -3.87 10.06 -13.17
C GLU A 288 -4.15 11.57 -13.18
N GLY A 289 -5.10 11.98 -14.03
CA GLY A 289 -5.45 13.38 -14.21
C GLY A 289 -6.29 13.94 -13.07
N SER A 290 -7.21 13.14 -12.51
CA SER A 290 -8.22 13.65 -11.56
C SER A 290 -7.60 14.17 -10.26
N TYR A 291 -6.39 13.69 -9.92
CA TYR A 291 -5.69 14.14 -8.71
C TYR A 291 -4.90 15.43 -8.94
N SER A 292 -4.87 15.93 -10.19
CA SER A 292 -4.19 17.19 -10.53
C SER A 292 -5.20 18.35 -10.49
N SER A 293 -4.66 19.59 -10.52
CA SER A 293 -5.44 20.83 -10.59
C SER A 293 -5.93 21.10 -12.02
N ASN A 294 -5.33 20.43 -13.01
CA ASN A 294 -5.62 20.69 -14.41
C ASN A 294 -5.22 19.48 -15.23
N PRO A 295 -6.19 18.64 -15.66
CA PRO A 295 -5.88 17.46 -16.48
C PRO A 295 -5.75 17.76 -17.98
N TYR A 296 -6.15 18.97 -18.41
CA TYR A 296 -6.20 19.35 -19.83
C TYR A 296 -4.80 19.63 -20.38
N ASP A 297 -3.95 20.27 -19.57
CA ASP A 297 -2.54 20.48 -19.88
C ASP A 297 -1.74 19.31 -19.29
N GLY A 298 -1.13 18.51 -20.17
CA GLY A 298 -0.54 17.22 -19.79
C GLY A 298 0.60 17.35 -18.78
N LYS A 299 1.24 18.53 -18.73
CA LYS A 299 2.46 18.74 -17.95
C LYS A 299 2.13 18.99 -16.47
N VAL A 300 0.93 19.51 -16.19
CA VAL A 300 0.57 19.98 -14.84
C VAL A 300 0.55 18.79 -13.87
N ARG A 301 -0.11 17.69 -14.26
CA ARG A 301 -0.23 16.51 -13.40
C ARG A 301 1.14 15.87 -13.13
N ILE A 302 2.08 16.02 -14.08
CA ILE A 302 3.42 15.44 -13.92
C ILE A 302 4.14 16.21 -12.81
N LYS A 303 4.13 17.54 -12.92
CA LYS A 303 4.74 18.44 -11.94
C LYS A 303 4.14 18.19 -10.55
N GLU A 304 2.80 18.11 -10.48
CA GLU A 304 2.09 18.02 -9.20
C GLU A 304 2.28 16.63 -8.57
N CYS A 305 2.36 15.60 -9.41
CA CYS A 305 2.62 14.23 -8.96
C CYS A 305 4.03 14.18 -8.34
N LYS A 306 4.99 14.84 -8.99
CA LYS A 306 6.36 14.90 -8.50
C LYS A 306 6.42 15.70 -7.18
N GLU A 307 5.62 16.76 -7.08
CA GLU A 307 5.57 17.59 -5.86
C GLU A 307 5.09 16.74 -4.67
N MET A 308 4.11 15.87 -4.90
CA MET A 308 3.60 14.95 -3.87
C MET A 308 4.74 14.07 -3.35
N ILE A 309 5.46 13.45 -4.29
CA ILE A 309 6.53 12.51 -3.97
C ILE A 309 7.65 13.24 -3.22
N LYS A 310 8.01 14.44 -3.70
CA LYS A 310 9.05 15.26 -3.06
C LYS A 310 8.68 15.60 -1.62
N ALA A 311 7.40 15.93 -1.40
CA ALA A 311 6.92 16.33 -0.08
C ALA A 311 7.00 15.13 0.88
N LEU A 312 6.68 13.93 0.39
CA LEU A 312 6.78 12.71 1.19
C LEU A 312 8.27 12.44 1.51
N HIS A 313 9.13 12.61 0.51
CA HIS A 313 10.58 12.48 0.71
C HIS A 313 11.11 13.50 1.73
N ASP A 314 10.64 14.76 1.64
CA ASP A 314 11.08 15.82 2.55
C ASP A 314 10.63 15.49 3.99
N ALA A 315 9.54 14.73 4.14
CA ALA A 315 9.03 14.29 5.44
C ALA A 315 9.76 13.02 5.91
N GLY A 316 10.67 12.50 5.09
CA GLY A 316 11.47 11.31 5.43
C GLY A 316 10.69 10.01 5.22
N ILE A 317 9.76 10.02 4.26
CA ILE A 317 8.86 8.88 4.02
C ILE A 317 9.15 8.28 2.63
N SER A 318 9.26 6.94 2.60
CA SER A 318 9.44 6.17 1.39
C SER A 318 8.10 6.05 0.66
N VAL A 319 8.14 6.11 -0.68
CA VAL A 319 6.95 6.11 -1.52
C VAL A 319 6.89 4.80 -2.31
N VAL A 320 5.85 4.00 -2.07
CA VAL A 320 5.60 2.75 -2.79
C VAL A 320 4.36 2.94 -3.68
N MET A 321 4.47 2.49 -4.93
CA MET A 321 3.46 2.67 -5.95
C MET A 321 2.71 1.36 -6.20
N ASP A 322 1.38 1.42 -6.10
CA ASP A 322 0.47 0.36 -6.50
C ASP A 322 0.42 0.30 -8.03
N VAL A 323 0.86 -0.83 -8.60
CA VAL A 323 0.90 -1.02 -10.06
C VAL A 323 0.07 -2.26 -10.43
N VAL A 324 -0.50 -2.21 -11.64
CA VAL A 324 -1.58 -3.10 -12.07
C VAL A 324 -1.32 -3.54 -13.51
N TYR A 325 -0.17 -4.18 -13.74
CA TYR A 325 0.24 -4.66 -15.06
C TYR A 325 -0.54 -5.92 -15.44
N ASN A 326 -1.24 -6.53 -14.48
CA ASN A 326 -1.94 -7.80 -14.69
C ASN A 326 -3.12 -7.64 -15.65
N HIS A 327 -3.65 -6.42 -15.84
CA HIS A 327 -4.79 -6.19 -16.74
C HIS A 327 -4.93 -4.71 -17.07
N THR A 328 -5.62 -4.41 -18.18
CA THR A 328 -6.04 -3.05 -18.53
C THR A 328 -7.58 -2.96 -18.40
N TYR A 329 -8.09 -1.72 -18.36
CA TYR A 329 -9.53 -1.50 -18.18
C TYR A 329 -10.34 -2.31 -19.20
N SER A 330 -9.91 -2.28 -20.46
CA SER A 330 -10.55 -3.04 -21.52
C SER A 330 -9.49 -3.50 -22.54
N THR A 331 -9.91 -4.36 -23.47
CA THR A 331 -9.08 -4.76 -24.59
C THR A 331 -9.28 -3.78 -25.76
N ASP A 332 -10.08 -2.73 -25.57
CA ASP A 332 -10.06 -1.56 -26.47
C ASP A 332 -8.99 -0.60 -25.96
N SER A 333 -7.73 -1.04 -26.04
CA SER A 333 -6.59 -0.42 -25.37
C SER A 333 -5.53 -0.07 -26.41
N CYS A 334 -4.57 0.76 -25.99
CA CYS A 334 -3.44 1.12 -26.84
C CYS A 334 -2.67 -0.15 -27.25
N PHE A 335 -2.60 -1.14 -26.35
CA PHE A 335 -1.90 -2.41 -26.63
C PHE A 335 -2.59 -3.17 -27.76
N GLN A 336 -3.91 -3.36 -27.64
CA GLN A 336 -4.69 -4.19 -28.58
C GLN A 336 -4.81 -3.49 -29.93
N TYR A 337 -4.83 -2.15 -29.93
CA TYR A 337 -4.98 -1.34 -31.14
C TYR A 337 -3.66 -1.26 -31.92
N THR A 338 -2.53 -1.58 -31.24
CA THR A 338 -1.22 -1.52 -31.87
C THR A 338 -0.80 -2.91 -32.36
N VAL A 339 -0.90 -3.93 -31.50
CA VAL A 339 -0.56 -5.32 -31.88
C VAL A 339 -1.66 -6.25 -31.37
N PRO A 340 -2.76 -6.41 -32.13
CA PRO A 340 -3.92 -7.19 -31.67
C PRO A 340 -3.62 -8.65 -31.32
N ASN A 341 -3.91 -9.01 -30.05
CA ASN A 341 -3.89 -10.36 -29.47
C ASN A 341 -2.47 -10.74 -29.00
N TYR A 342 -1.52 -9.80 -29.07
CA TYR A 342 -0.17 -10.06 -28.65
C TYR A 342 -0.03 -9.87 -27.13
N TYR A 343 -0.59 -8.78 -26.59
CA TYR A 343 -0.26 -8.32 -25.23
C TYR A 343 -1.13 -8.98 -24.16
N TYR A 344 -2.17 -9.72 -24.58
CA TYR A 344 -3.10 -10.38 -23.65
C TYR A 344 -3.01 -11.90 -23.85
N ARG A 345 -3.30 -12.64 -22.78
CA ARG A 345 -3.32 -14.09 -22.81
C ARG A 345 -4.62 -14.55 -23.47
N MET A 346 -4.47 -15.37 -24.50
CA MET A 346 -5.57 -15.80 -25.34
C MET A 346 -5.82 -17.30 -25.10
N LYS A 347 -7.10 -17.65 -24.97
CA LYS A 347 -7.53 -19.04 -24.92
C LYS A 347 -7.66 -19.55 -26.35
N THR A 348 -7.62 -20.88 -26.50
CA THR A 348 -7.66 -21.54 -27.82
C THR A 348 -8.91 -21.13 -28.61
N THR A 349 -10.03 -20.93 -27.90
CA THR A 349 -11.35 -20.57 -28.42
C THR A 349 -11.42 -19.09 -28.83
N GLY A 350 -10.35 -18.32 -28.63
CA GLY A 350 -10.29 -16.92 -29.06
C GLY A 350 -10.69 -15.94 -27.96
N ALA A 351 -11.29 -16.45 -26.88
CA ALA A 351 -11.63 -15.63 -25.72
C ALA A 351 -10.34 -15.14 -25.06
N PHE A 352 -10.40 -13.92 -24.50
CA PHE A 352 -9.37 -13.44 -23.61
C PHE A 352 -9.44 -14.21 -22.30
N SER A 353 -8.31 -14.77 -21.86
CA SER A 353 -8.19 -15.34 -20.52
C SER A 353 -8.55 -14.25 -19.51
N ASP A 354 -9.32 -14.62 -18.48
CA ASP A 354 -9.88 -13.65 -17.55
C ASP A 354 -9.45 -14.00 -16.13
N GLY A 355 -8.14 -14.11 -15.91
CA GLY A 355 -7.55 -14.41 -14.61
C GLY A 355 -7.66 -13.28 -13.61
N SER A 356 -7.90 -12.05 -14.11
CA SER A 356 -8.03 -10.85 -13.28
C SER A 356 -9.46 -10.67 -12.77
N GLY A 357 -10.42 -11.33 -13.42
CA GLY A 357 -11.85 -11.10 -13.17
C GLY A 357 -12.33 -9.77 -13.74
N CYS A 358 -11.47 -9.10 -14.54
CA CYS A 358 -11.76 -7.77 -15.08
C CYS A 358 -11.84 -7.80 -16.60
N GLY A 359 -11.65 -8.98 -17.21
CA GLY A 359 -11.97 -9.23 -18.63
C GLY A 359 -10.75 -9.63 -19.46
N ASN A 360 -9.54 -9.45 -18.91
CA ASN A 360 -8.31 -9.73 -19.64
C ASN A 360 -7.16 -9.93 -18.63
N GLU A 361 -6.05 -10.48 -19.12
CA GLU A 361 -4.81 -10.50 -18.35
C GLU A 361 -3.61 -10.24 -19.28
N GLY A 362 -2.72 -9.35 -18.80
CA GLY A 362 -1.49 -8.99 -19.49
C GLY A 362 -0.56 -10.19 -19.58
N ALA A 363 0.03 -10.40 -20.76
CA ALA A 363 0.87 -11.57 -21.04
C ALA A 363 2.33 -11.24 -20.70
N THR A 364 2.67 -11.29 -19.40
CA THR A 364 4.01 -10.92 -18.90
C THR A 364 5.10 -11.82 -19.51
N GLU A 365 4.70 -13.03 -19.95
CA GLU A 365 5.61 -14.02 -20.53
C GLU A 365 6.05 -13.65 -21.96
N ARG A 366 5.40 -12.64 -22.57
CA ARG A 366 5.73 -12.16 -23.94
C ARG A 366 6.88 -11.16 -23.88
N ALA A 367 7.83 -11.27 -24.82
CA ALA A 367 9.09 -10.51 -24.78
C ALA A 367 8.82 -9.00 -24.61
N MET A 368 7.84 -8.47 -25.36
CA MET A 368 7.66 -7.03 -25.42
C MET A 368 6.72 -6.53 -24.31
N TYR A 369 5.99 -7.42 -23.62
CA TYR A 369 5.23 -6.97 -22.44
C TYR A 369 6.12 -7.05 -21.20
N ARG A 370 6.91 -8.12 -21.10
CA ARG A 370 7.97 -8.22 -20.08
C ARG A 370 8.82 -6.95 -20.13
N GLN A 371 9.33 -6.61 -21.32
CA GLN A 371 10.19 -5.43 -21.49
C GLN A 371 9.41 -4.17 -21.11
N TYR A 372 8.16 -4.04 -21.58
CA TYR A 372 7.33 -2.88 -21.24
C TYR A 372 7.22 -2.70 -19.72
N VAL A 373 6.90 -3.80 -19.01
CA VAL A 373 6.69 -3.77 -17.55
C VAL A 373 7.99 -3.34 -16.85
N ILE A 374 9.11 -3.98 -17.19
CA ILE A 374 10.40 -3.70 -16.53
C ILE A 374 10.82 -2.25 -16.83
N ASP A 375 10.68 -1.83 -18.09
CA ASP A 375 11.01 -0.45 -18.48
C ASP A 375 10.11 0.54 -17.74
N SER A 376 8.84 0.16 -17.52
CA SER A 376 7.87 1.00 -16.81
C SER A 376 8.28 1.20 -15.35
N LEU A 377 8.68 0.10 -14.68
CA LEU A 377 9.12 0.14 -13.29
C LEU A 377 10.35 1.06 -13.17
N LYS A 378 11.30 0.90 -14.09
CA LYS A 378 12.52 1.70 -14.08
C LYS A 378 12.18 3.18 -14.28
N TYR A 379 11.22 3.47 -15.15
CA TYR A 379 10.80 4.83 -15.47
C TYR A 379 10.21 5.51 -14.22
N TRP A 380 9.30 4.83 -13.51
CA TRP A 380 8.67 5.41 -12.32
C TRP A 380 9.74 5.66 -11.23
N VAL A 381 10.73 4.75 -11.09
CA VAL A 381 11.80 4.91 -10.12
C VAL A 381 12.68 6.10 -10.53
N ASN A 382 13.07 6.18 -11.81
CA ASN A 382 14.07 7.14 -12.26
C ASN A 382 13.42 8.52 -12.45
N GLU A 383 12.28 8.58 -13.16
CA GLU A 383 11.66 9.85 -13.54
C GLU A 383 10.90 10.48 -12.35
N TYR A 384 10.23 9.65 -11.54
CA TYR A 384 9.35 10.14 -10.48
C TYR A 384 9.91 9.89 -9.07
N HIS A 385 11.08 9.23 -8.99
CA HIS A 385 11.78 8.99 -7.71
C HIS A 385 10.97 8.04 -6.81
N VAL A 386 10.21 7.13 -7.41
CA VAL A 386 9.44 6.12 -6.67
C VAL A 386 10.42 5.13 -6.02
N ASP A 387 10.10 4.68 -4.81
CA ASP A 387 11.04 3.92 -3.97
C ASP A 387 10.70 2.43 -3.90
N GLY A 388 9.56 2.04 -4.47
CA GLY A 388 9.15 0.65 -4.49
C GLY A 388 7.75 0.47 -5.05
N PHE A 389 7.32 -0.79 -5.12
CA PHE A 389 6.12 -1.18 -5.86
C PHE A 389 5.32 -2.25 -5.08
N ARG A 390 4.00 -2.15 -5.21
CA ARG A 390 3.05 -3.18 -4.79
C ARG A 390 2.35 -3.72 -6.05
N PHE A 391 2.52 -5.00 -6.32
CA PHE A 391 2.01 -5.63 -7.54
C PHE A 391 0.61 -6.20 -7.29
N ASP A 392 -0.39 -5.51 -7.85
CA ASP A 392 -1.76 -6.00 -7.93
C ASP A 392 -1.75 -7.39 -8.59
N LEU A 393 -2.52 -8.33 -8.01
CA LEU A 393 -2.65 -9.70 -8.49
C LEU A 393 -1.34 -10.19 -9.12
N MET A 394 -0.27 -10.19 -8.31
CA MET A 394 1.07 -10.64 -8.73
C MET A 394 1.02 -12.11 -9.17
N GLY A 395 0.04 -12.88 -8.67
CA GLY A 395 -0.19 -14.28 -9.08
C GLY A 395 -0.46 -14.46 -10.57
N LEU A 396 -0.78 -13.35 -11.28
CA LEU A 396 -1.02 -13.38 -12.73
C LEU A 396 0.27 -13.07 -13.49
N MET A 397 1.31 -12.67 -12.78
CA MET A 397 2.58 -12.36 -13.38
C MET A 397 3.49 -13.57 -13.22
N ASP A 398 4.32 -13.85 -14.24
CA ASP A 398 5.15 -15.03 -14.26
C ASP A 398 6.42 -14.74 -13.42
N VAL A 399 6.94 -15.80 -12.78
CA VAL A 399 8.03 -15.69 -11.80
C VAL A 399 9.30 -15.13 -12.46
N GLU A 400 9.59 -15.60 -13.67
CA GLU A 400 10.79 -15.20 -14.38
C GLU A 400 10.79 -13.68 -14.61
N THR A 401 9.65 -13.13 -15.08
CA THR A 401 9.48 -11.68 -15.25
C THR A 401 9.68 -10.96 -13.90
N MET A 402 9.06 -11.48 -12.84
CA MET A 402 9.17 -10.83 -11.52
C MET A 402 10.64 -10.79 -11.07
N ASN A 403 11.36 -11.90 -11.25
CA ASN A 403 12.76 -12.01 -10.82
C ASN A 403 13.65 -11.09 -11.67
N MET A 404 13.36 -11.02 -12.97
CA MET A 404 14.09 -10.14 -13.86
C MET A 404 13.84 -8.67 -13.48
N ALA A 405 12.63 -8.36 -13.03
CA ALA A 405 12.29 -7.01 -12.57
C ALA A 405 13.04 -6.67 -11.28
N ARG A 406 13.12 -7.64 -10.36
CA ARG A 406 13.90 -7.51 -9.12
C ARG A 406 15.37 -7.22 -9.44
N GLU A 407 15.94 -7.94 -10.42
CA GLU A 407 17.34 -7.78 -10.80
C GLU A 407 17.54 -6.39 -11.43
N ALA A 408 16.60 -5.98 -12.28
CA ALA A 408 16.64 -4.66 -12.93
C ALA A 408 16.66 -3.54 -11.86
N LEU A 409 15.73 -3.61 -10.91
CA LEU A 409 15.62 -2.58 -9.89
C LEU A 409 16.84 -2.62 -8.95
N ASP A 410 17.40 -3.81 -8.73
CA ASP A 410 18.63 -4.00 -7.93
C ASP A 410 19.79 -3.18 -8.52
N GLN A 411 19.84 -3.03 -9.85
CA GLN A 411 20.92 -2.31 -10.52
C GLN A 411 20.84 -0.81 -10.19
N ILE A 412 19.63 -0.33 -9.87
CA ILE A 412 19.43 1.02 -9.36
C ILE A 412 19.77 1.03 -7.87
N ASP A 413 19.03 0.25 -7.07
CA ASP A 413 19.32 0.09 -5.65
C ASP A 413 18.54 -1.12 -5.11
N PRO A 414 19.20 -2.13 -4.50
CA PRO A 414 18.49 -3.31 -4.01
C PRO A 414 17.54 -3.04 -2.83
N ARG A 415 17.61 -1.83 -2.25
CA ARG A 415 16.72 -1.42 -1.16
C ARG A 415 15.35 -0.96 -1.69
N ILE A 416 15.24 -0.75 -3.02
CA ILE A 416 13.94 -0.54 -3.65
C ILE A 416 13.07 -1.75 -3.33
N THR A 417 11.86 -1.50 -2.78
CA THR A 417 11.01 -2.59 -2.26
C THR A 417 10.08 -3.11 -3.35
N MET A 418 9.77 -4.41 -3.27
CA MET A 418 8.77 -5.06 -4.12
C MET A 418 7.95 -6.02 -3.25
N TRP A 419 6.63 -5.94 -3.38
CA TRP A 419 5.73 -6.94 -2.79
C TRP A 419 4.43 -6.97 -3.59
N GLY A 420 3.61 -8.00 -3.37
CA GLY A 420 2.37 -8.14 -4.12
C GLY A 420 1.48 -9.25 -3.58
N GLU A 421 0.29 -9.32 -4.16
CA GLU A 421 -0.70 -10.36 -3.88
C GLU A 421 -0.27 -11.64 -4.61
N GLY A 422 0.04 -12.68 -3.83
CA GLY A 422 0.45 -13.97 -4.37
C GLY A 422 -0.74 -14.85 -4.75
N TRP A 423 -1.71 -14.25 -5.46
CA TRP A 423 -2.92 -14.93 -5.95
C TRP A 423 -3.45 -14.18 -7.19
N ALA A 424 -4.49 -14.77 -7.80
CA ALA A 424 -5.17 -14.27 -8.98
C ALA A 424 -6.65 -14.02 -8.67
N GLY A 425 -7.43 -13.63 -9.68
CA GLY A 425 -8.84 -13.30 -9.51
C GLY A 425 -9.74 -14.13 -10.42
N GLY A 426 -9.24 -15.30 -10.84
CA GLY A 426 -9.89 -16.16 -11.82
C GLY A 426 -8.91 -17.16 -12.40
N ASP A 427 -9.43 -18.05 -13.26
CA ASP A 427 -8.61 -19.03 -13.96
C ASP A 427 -7.75 -18.32 -15.01
N SER A 428 -6.48 -18.72 -15.10
CA SER A 428 -5.50 -18.12 -15.99
C SER A 428 -4.99 -19.17 -16.99
N TYR A 429 -5.13 -18.87 -18.29
CA TYR A 429 -4.65 -19.71 -19.38
C TYR A 429 -3.40 -19.07 -19.99
N HIS A 430 -2.29 -19.83 -19.99
CA HIS A 430 -0.98 -19.33 -20.42
C HIS A 430 -0.25 -20.41 -21.21
N PRO A 431 0.74 -20.02 -22.05
CA PRO A 431 1.59 -20.98 -22.73
C PRO A 431 2.42 -21.79 -21.72
N THR A 432 2.94 -22.94 -22.15
CA THR A 432 3.78 -23.80 -21.33
C THR A 432 5.05 -23.04 -20.90
N ASN A 433 5.69 -22.39 -21.87
CA ASN A 433 6.96 -21.71 -21.65
C ASN A 433 6.82 -20.20 -21.91
N THR A 434 7.80 -19.46 -21.39
CA THR A 434 7.94 -18.02 -21.58
C THR A 434 8.68 -17.75 -22.89
N CYS A 435 8.84 -16.45 -23.20
CA CYS A 435 9.57 -15.96 -24.38
C CYS A 435 11.07 -16.28 -24.29
N SER A 436 11.54 -16.72 -23.11
CA SER A 436 12.93 -17.10 -22.84
C SER A 436 13.13 -18.63 -23.02
N GLY A 437 12.03 -19.38 -23.11
CA GLY A 437 12.06 -20.84 -23.29
C GLY A 437 12.07 -21.60 -21.97
N THR A 438 11.84 -20.91 -20.86
CA THR A 438 11.74 -21.53 -19.54
C THR A 438 10.26 -21.79 -19.24
N LYS A 439 10.01 -22.77 -18.37
CA LYS A 439 8.66 -23.15 -17.97
C LYS A 439 7.99 -21.99 -17.22
N PHE A 440 6.74 -21.69 -17.59
CA PHE A 440 5.95 -20.62 -16.99
C PHE A 440 5.50 -21.06 -15.58
N TYR A 441 5.81 -20.23 -14.59
CA TYR A 441 5.27 -20.36 -13.25
C TYR A 441 4.59 -19.04 -12.85
N PRO A 442 3.36 -19.07 -12.31
CA PRO A 442 2.74 -17.86 -11.79
C PRO A 442 3.37 -17.49 -10.44
N ALA A 443 3.48 -16.18 -10.16
CA ALA A 443 4.10 -15.68 -8.94
C ALA A 443 3.10 -15.71 -7.77
N THR A 444 2.69 -16.93 -7.39
CA THR A 444 1.72 -17.19 -6.34
C THR A 444 2.45 -17.61 -5.06
N GLN A 445 1.69 -17.67 -3.96
CA GLN A 445 2.20 -18.16 -2.66
C GLN A 445 2.82 -19.55 -2.81
N ALA A 446 2.15 -20.41 -3.60
CA ALA A 446 2.58 -21.78 -3.82
C ALA A 446 3.99 -21.81 -4.43
N ASN A 447 4.36 -20.74 -5.15
CA ASN A 447 5.63 -20.68 -5.88
C ASN A 447 6.62 -19.70 -5.22
N ALA A 448 6.43 -19.42 -3.92
CA ALA A 448 7.28 -18.50 -3.17
C ALA A 448 8.76 -18.90 -3.26
N SER A 449 9.04 -20.21 -3.28
CA SER A 449 10.41 -20.75 -3.30
C SER A 449 11.16 -20.42 -4.60
N ARG A 450 10.42 -20.11 -5.68
CA ARG A 450 11.01 -19.84 -7.00
C ARG A 450 11.22 -18.33 -7.20
N LEU A 451 10.60 -17.53 -6.34
CA LEU A 451 10.60 -16.08 -6.41
C LEU A 451 11.70 -15.53 -5.48
N SER A 452 12.30 -14.39 -5.87
CA SER A 452 13.27 -13.67 -5.05
C SER A 452 12.71 -13.44 -3.64
N ASP A 453 13.57 -13.62 -2.63
CA ASP A 453 13.16 -13.43 -1.23
C ASP A 453 12.94 -11.94 -0.92
N ARG A 454 13.26 -11.05 -1.87
CA ARG A 454 12.99 -9.60 -1.73
C ARG A 454 11.87 -9.16 -2.68
N ILE A 455 11.02 -10.12 -3.09
CA ILE A 455 9.68 -9.86 -3.58
C ILE A 455 8.69 -10.48 -2.60
N ALA A 456 8.13 -9.65 -1.71
CA ALA A 456 7.32 -10.15 -0.61
C ALA A 456 5.88 -10.38 -1.08
N ILE A 457 5.16 -11.16 -0.28
CA ILE A 457 3.85 -11.70 -0.59
C ILE A 457 2.96 -11.40 0.62
N PHE A 458 1.77 -10.86 0.38
CA PHE A 458 0.79 -10.57 1.45
C PHE A 458 0.46 -11.87 2.20
N ASN A 459 0.56 -11.82 3.52
CA ASN A 459 0.32 -12.99 4.38
C ASN A 459 -1.14 -13.02 4.85
N ASP A 460 -2.01 -13.69 4.09
CA ASP A 460 -3.42 -13.80 4.46
C ASP A 460 -3.59 -14.75 5.65
N GLY A 461 -2.55 -15.55 5.94
CA GLY A 461 -2.48 -16.38 7.13
C GLY A 461 -2.62 -15.59 8.42
N ILE A 462 -1.76 -14.57 8.58
CA ILE A 462 -1.82 -13.74 9.80
C ILE A 462 -3.03 -12.80 9.73
N ARG A 463 -3.38 -12.35 8.52
CA ARG A 463 -4.51 -11.42 8.31
C ARG A 463 -5.79 -12.06 8.87
N ASP A 464 -6.09 -13.27 8.40
CA ASP A 464 -7.31 -13.98 8.78
C ASP A 464 -7.22 -14.49 10.22
N GLY A 465 -6.00 -14.86 10.65
CA GLY A 465 -5.75 -15.32 12.02
C GLY A 465 -6.09 -14.24 13.05
N ILE A 466 -5.71 -13.00 12.74
CA ILE A 466 -5.94 -11.87 13.63
C ILE A 466 -7.44 -11.56 13.75
N LYS A 467 -8.17 -11.42 12.63
CA LYS A 467 -9.48 -10.77 12.68
C LYS A 467 -10.60 -11.59 12.03
N GLY A 468 -10.30 -12.80 11.53
CA GLY A 468 -11.27 -13.63 10.82
C GLY A 468 -11.14 -13.49 9.31
N SER A 469 -11.82 -14.39 8.59
CA SER A 469 -11.79 -14.44 7.14
C SER A 469 -12.16 -13.07 6.55
N ALA A 470 -11.27 -12.53 5.71
CA ALA A 470 -11.54 -11.30 4.97
C ALA A 470 -12.76 -11.45 4.06
N MET A 471 -13.10 -12.69 3.69
CA MET A 471 -14.20 -12.98 2.75
C MET A 471 -15.57 -12.86 3.43
N ASP A 472 -15.61 -12.74 4.76
CA ASP A 472 -16.87 -12.68 5.49
C ASP A 472 -16.67 -11.76 6.71
N ILE A 473 -17.25 -10.56 6.62
CA ILE A 473 -17.05 -9.51 7.61
C ILE A 473 -17.53 -9.97 8.99
N SER A 474 -18.45 -10.94 9.04
CA SER A 474 -19.04 -11.42 10.29
CA SER A 474 -19.04 -11.42 10.29
C SER A 474 -18.15 -12.47 10.96
N ASP A 475 -17.09 -12.93 10.27
CA ASP A 475 -16.27 -14.05 10.77
C ASP A 475 -15.29 -13.54 11.85
N VAL A 476 -15.10 -14.35 12.90
CA VAL A 476 -14.23 -13.97 14.03
C VAL A 476 -12.85 -14.60 13.84
N GLY A 477 -11.82 -13.84 14.21
CA GLY A 477 -10.46 -14.33 14.36
C GLY A 477 -10.04 -14.31 15.82
N PHE A 478 -8.72 -14.28 16.05
CA PHE A 478 -8.14 -14.42 17.37
C PHE A 478 -8.60 -13.28 18.29
N ILE A 479 -8.53 -12.02 17.83
CA ILE A 479 -8.78 -10.88 18.71
C ILE A 479 -10.23 -10.92 19.25
N GLN A 480 -11.17 -11.50 18.49
CA GLN A 480 -12.59 -11.55 18.91
C GLN A 480 -12.87 -12.78 19.79
N GLY A 481 -11.92 -13.72 19.86
CA GLY A 481 -11.98 -14.83 20.82
C GLY A 481 -11.83 -16.21 20.21
N SER A 482 -11.55 -16.32 18.90
CA SER A 482 -11.40 -17.64 18.25
C SER A 482 -10.10 -18.31 18.69
N LYS A 483 -10.22 -19.49 19.31
CA LYS A 483 -9.05 -20.29 19.72
C LYS A 483 -8.42 -20.98 18.52
N SER A 484 -9.24 -21.40 17.54
CA SER A 484 -8.76 -22.08 16.34
C SER A 484 -7.94 -21.12 15.46
N SER A 485 -8.18 -19.82 15.61
CA SER A 485 -7.44 -18.77 14.89
C SER A 485 -6.04 -18.55 15.47
N ALA A 486 -5.74 -19.10 16.65
CA ALA A 486 -4.46 -18.85 17.34
C ALA A 486 -3.28 -19.30 16.45
N LYS A 487 -3.44 -20.43 15.75
CA LYS A 487 -2.34 -20.97 14.94
C LYS A 487 -1.98 -20.02 13.80
N GLY A 488 -2.98 -19.34 13.24
CA GLY A 488 -2.76 -18.33 12.18
C GLY A 488 -1.90 -17.17 12.67
N VAL A 489 -2.18 -16.71 13.90
CA VAL A 489 -1.39 -15.67 14.54
C VAL A 489 0.03 -16.18 14.80
N SER A 490 0.15 -17.39 15.39
CA SER A 490 1.42 -17.94 15.86
C SER A 490 2.38 -18.21 14.68
N TYR A 491 1.84 -18.69 13.56
CA TYR A 491 2.66 -18.86 12.34
C TYR A 491 3.04 -17.48 11.79
N GLY A 492 2.10 -16.53 11.88
CA GLY A 492 2.29 -15.15 11.45
C GLY A 492 3.43 -14.43 12.19
N VAL A 493 3.66 -14.82 13.45
CA VAL A 493 4.67 -14.21 14.31
C VAL A 493 6.07 -14.33 13.68
N ARG A 494 6.33 -15.43 12.96
CA ARG A 494 7.61 -15.61 12.25
C ARG A 494 7.37 -15.52 10.73
N ALA A 495 6.39 -14.70 10.34
CA ALA A 495 6.19 -14.24 8.96
C ALA A 495 5.92 -15.43 8.03
N ASN A 496 5.26 -16.47 8.57
CA ASN A 496 4.96 -17.70 7.86
C ASN A 496 6.22 -18.25 7.18
N SER A 497 7.40 -18.04 7.79
CA SER A 497 8.67 -18.52 7.24
C SER A 497 9.25 -19.66 8.08
N SER A 498 8.66 -19.93 9.25
CA SER A 498 9.06 -21.02 10.14
C SER A 498 7.93 -22.05 10.21
N GLY A 499 8.20 -23.23 9.64
CA GLY A 499 7.17 -24.24 9.39
C GLY A 499 6.22 -23.79 8.28
N THR A 500 5.19 -24.60 8.04
CA THR A 500 4.22 -24.39 6.97
C THR A 500 2.79 -24.46 7.53
N TYR A 501 2.11 -23.32 7.48
CA TYR A 501 0.66 -23.20 7.64
C TYR A 501 0.11 -22.36 6.49
N LYS A 502 -0.64 -23.01 5.59
CA LYS A 502 -1.29 -22.39 4.42
C LYS A 502 -0.27 -22.14 3.30
N TRP A 503 0.78 -21.39 3.59
CA TRP A 503 1.88 -21.15 2.64
C TRP A 503 3.16 -20.85 3.43
N LYS A 504 4.30 -20.91 2.73
CA LYS A 504 5.60 -20.70 3.36
C LYS A 504 6.41 -19.66 2.60
N ALA A 505 6.73 -18.56 3.30
CA ALA A 505 7.69 -17.57 2.85
C ALA A 505 9.10 -18.14 3.01
N GLN A 506 10.00 -17.77 2.09
CA GLN A 506 11.40 -18.15 2.16
C GLN A 506 12.08 -17.56 3.41
N ALA A 507 11.63 -16.36 3.79
CA ALA A 507 12.21 -15.58 4.87
C ALA A 507 11.24 -14.47 5.25
N PRO A 508 11.44 -13.79 6.41
CA PRO A 508 10.65 -12.61 6.74
C PRO A 508 10.64 -11.51 5.66
N SER A 509 11.75 -11.39 4.90
CA SER A 509 11.85 -10.42 3.80
C SER A 509 10.77 -10.69 2.72
N GLN A 510 10.19 -11.90 2.70
CA GLN A 510 9.27 -12.28 1.63
C GLN A 510 7.81 -12.23 2.11
N CYS A 511 7.55 -11.58 3.25
CA CYS A 511 6.24 -11.62 3.91
C CYS A 511 5.76 -10.21 4.24
N VAL A 512 4.55 -9.86 3.81
CA VAL A 512 3.87 -8.64 4.25
C VAL A 512 2.89 -9.02 5.38
N THR A 513 3.13 -8.45 6.55
CA THR A 513 2.40 -8.73 7.77
C THR A 513 1.31 -7.66 7.96
N TYR A 514 0.04 -8.09 7.91
CA TYR A 514 -1.07 -7.16 7.94
C TYR A 514 -2.34 -7.87 8.45
N ASP A 515 -3.29 -7.05 8.93
CA ASP A 515 -4.61 -7.54 9.34
C ASP A 515 -5.73 -6.96 8.46
N ALA A 516 -5.43 -5.93 7.65
CA ALA A 516 -6.42 -5.33 6.73
C ALA A 516 -5.74 -4.44 5.68
N CYS A 517 -6.41 -4.26 4.54
CA CYS A 517 -5.99 -3.37 3.46
C CYS A 517 -7.24 -2.73 2.84
N HIS A 518 -7.10 -2.08 1.68
CA HIS A 518 -8.21 -1.37 1.02
C HIS A 518 -9.35 -2.34 0.66
N ASP A 519 -9.00 -3.59 0.34
CA ASP A 519 -9.98 -4.60 -0.06
C ASP A 519 -10.77 -5.05 1.17
N ASN A 520 -12.03 -5.46 0.96
CA ASN A 520 -12.83 -6.09 2.02
C ASN A 520 -13.04 -5.07 3.15
N ALA A 521 -13.23 -5.55 4.38
CA ALA A 521 -13.62 -4.67 5.49
C ALA A 521 -12.38 -4.08 6.17
N THR A 522 -12.53 -2.85 6.69
CA THR A 522 -11.51 -2.30 7.61
C THR A 522 -11.48 -3.18 8.86
N LEU A 523 -10.35 -3.14 9.58
CA LEU A 523 -10.19 -3.90 10.81
C LEU A 523 -11.35 -3.59 11.76
N TYR A 524 -11.62 -2.30 11.99
CA TYR A 524 -12.61 -1.89 12.98
C TYR A 524 -14.02 -2.27 12.52
N ASP A 525 -14.28 -2.25 11.22
CA ASP A 525 -15.58 -2.66 10.70
C ASP A 525 -15.78 -4.17 10.91
N GLN A 526 -14.73 -4.98 10.71
CA GLN A 526 -14.85 -6.43 10.92
C GLN A 526 -15.05 -6.73 12.41
N ILE A 527 -14.32 -6.01 13.28
CA ILE A 527 -14.47 -6.17 14.72
C ILE A 527 -15.95 -5.95 15.09
N ILE A 528 -16.53 -4.85 14.61
CA ILE A 528 -17.90 -4.46 14.93
C ILE A 528 -18.89 -5.50 14.36
N ALA A 529 -18.71 -5.87 13.09
CA ALA A 529 -19.66 -6.75 12.42
C ALA A 529 -19.67 -8.14 13.09
N SER A 530 -18.47 -8.65 13.41
CA SER A 530 -18.30 -10.01 13.91
C SER A 530 -18.71 -10.14 15.38
N THR A 531 -18.85 -9.00 16.08
CA THR A 531 -19.15 -9.01 17.52
C THR A 531 -20.57 -8.48 17.81
N GLY A 532 -21.06 -7.54 16.99
CA GLY A 532 -22.32 -6.86 17.26
C GLY A 532 -22.23 -5.89 18.43
N LEU A 533 -21.01 -5.45 18.76
CA LEU A 533 -20.74 -4.64 19.96
C LEU A 533 -21.32 -3.23 19.82
N ALA A 534 -21.42 -2.72 18.58
CA ALA A 534 -21.91 -1.36 18.33
C ALA A 534 -22.29 -1.23 16.85
N ASP A 535 -22.69 -0.01 16.44
CA ASP A 535 -22.89 0.35 15.04
C ASP A 535 -21.51 0.56 14.40
N TYR A 536 -21.46 0.41 13.06
CA TYR A 536 -20.25 0.73 12.32
C TYR A 536 -19.84 2.18 12.64
N GLY A 537 -18.55 2.38 12.90
CA GLY A 537 -17.97 3.70 13.11
C GLY A 537 -18.29 4.28 14.50
N GLU A 538 -18.84 3.44 15.38
CA GLU A 538 -19.17 3.83 16.75
C GLU A 538 -18.10 3.27 17.69
N ARG A 539 -17.63 4.11 18.63
CA ARG A 539 -16.61 3.67 19.58
C ARG A 539 -17.25 2.70 20.58
N ASN A 540 -16.57 1.58 20.82
CA ASN A 540 -16.94 0.63 21.86
C ASN A 540 -15.65 0.19 22.58
N SER A 541 -15.69 0.13 23.91
CA SER A 541 -14.49 -0.09 24.71
C SER A 541 -13.88 -1.48 24.45
N GLU A 542 -14.73 -2.50 24.29
CA GLU A 542 -14.25 -3.86 24.02
C GLU A 542 -13.71 -3.95 22.58
N ALA A 543 -14.41 -3.33 21.62
CA ALA A 543 -13.94 -3.27 20.23
C ALA A 543 -12.53 -2.64 20.18
N VAL A 544 -12.33 -1.57 20.97
CA VAL A 544 -11.07 -0.84 21.00
C VAL A 544 -9.97 -1.72 21.61
N LYS A 545 -10.30 -2.49 22.67
CA LYS A 545 -9.34 -3.46 23.22
C LYS A 545 -8.87 -4.41 22.12
N MET A 546 -9.81 -4.94 21.34
CA MET A 546 -9.48 -5.89 20.28
C MET A 546 -8.55 -5.21 19.25
N ASN A 547 -8.81 -3.93 18.97
CA ASN A 547 -8.03 -3.13 18.01
C ASN A 547 -6.60 -2.94 18.53
N ARG A 548 -6.46 -2.66 19.83
CA ARG A 548 -5.12 -2.53 20.43
C ARG A 548 -4.37 -3.87 20.34
N LEU A 549 -5.07 -4.97 20.56
CA LEU A 549 -4.44 -6.30 20.51
C LEU A 549 -3.93 -6.56 19.08
N ALA A 550 -4.71 -6.18 18.07
CA ALA A 550 -4.28 -6.34 16.67
C ALA A 550 -2.96 -5.59 16.44
N SER A 551 -2.88 -4.36 16.96
CA SER A 551 -1.67 -3.53 16.93
C SER A 551 -0.46 -4.28 17.52
N ALA A 552 -0.66 -4.85 18.71
CA ALA A 552 0.42 -5.55 19.43
C ALA A 552 0.95 -6.69 18.55
N ILE A 553 0.02 -7.43 17.92
CA ILE A 553 0.38 -8.60 17.12
C ILE A 553 1.18 -8.14 15.89
N ILE A 554 0.69 -7.13 15.17
CA ILE A 554 1.34 -6.67 13.92
C ILE A 554 2.80 -6.24 14.20
N TYR A 555 3.04 -5.61 15.36
CA TYR A 555 4.34 -5.02 15.65
C TYR A 555 5.19 -5.89 16.59
N THR A 556 4.70 -7.09 16.94
CA THR A 556 5.57 -8.12 17.55
C THR A 556 5.68 -9.35 16.64
N SER A 557 5.34 -9.16 15.35
CA SER A 557 5.53 -10.19 14.32
C SER A 557 6.65 -9.75 13.37
N GLN A 558 7.35 -10.74 12.80
CA GLN A 558 8.34 -10.51 11.75
C GLN A 558 7.60 -10.21 10.43
N GLY A 559 8.38 -9.87 9.41
CA GLY A 559 7.86 -9.49 8.12
C GLY A 559 7.68 -7.98 8.01
N ILE A 560 7.11 -7.54 6.89
CA ILE A 560 6.94 -6.13 6.59
C ILE A 560 5.59 -5.68 7.14
N SER A 561 5.62 -4.92 8.25
CA SER A 561 4.42 -4.44 8.92
C SER A 561 3.66 -3.42 8.04
N PHE A 562 2.37 -3.68 7.86
CA PHE A 562 1.51 -2.99 6.90
C PHE A 562 0.14 -2.73 7.53
N THR A 563 -0.39 -1.52 7.30
CA THR A 563 -1.74 -1.15 7.75
C THR A 563 -2.46 -0.34 6.66
N LEU A 564 -3.78 -0.48 6.61
CA LEU A 564 -4.62 0.47 5.92
C LEU A 564 -4.45 1.83 6.59
N ALA A 565 -4.34 2.90 5.79
CA ALA A 565 -4.23 4.25 6.32
C ALA A 565 -5.42 4.50 7.25
N GLY A 566 -5.13 4.82 8.51
CA GLY A 566 -6.16 5.14 9.50
C GLY A 566 -6.58 3.94 10.32
N GLU A 567 -5.97 2.76 10.11
CA GLU A 567 -6.21 1.60 10.99
C GLU A 567 -5.95 2.01 12.45
N GLU A 568 -4.93 2.87 12.64
CA GLU A 568 -4.47 3.33 13.95
C GLU A 568 -5.50 4.26 14.61
N MET A 569 -6.47 4.76 13.85
CA MET A 569 -7.55 5.64 14.35
C MET A 569 -8.93 5.01 14.10
N ALA A 570 -9.00 3.67 14.06
CA ALA A 570 -10.27 2.92 14.01
C ALA A 570 -11.10 3.30 12.77
N ARG A 571 -10.43 3.41 11.62
CA ARG A 571 -11.07 3.80 10.37
C ARG A 571 -12.23 2.86 10.07
N SER A 572 -13.34 3.45 9.64
CA SER A 572 -14.55 2.76 9.21
C SER A 572 -14.91 3.18 7.79
N LYS A 573 -15.51 2.25 7.04
CA LYS A 573 -16.16 2.52 5.75
C LYS A 573 -17.66 2.21 5.85
N ASP A 574 -18.22 2.37 7.05
CA ASP A 574 -19.64 2.14 7.32
C ASP A 574 -20.04 0.72 6.90
N GLY A 575 -19.11 -0.23 7.06
CA GLY A 575 -19.35 -1.66 6.79
C GLY A 575 -19.21 -2.04 5.33
N ASP A 576 -18.77 -1.12 4.47
CA ASP A 576 -18.63 -1.35 3.03
C ASP A 576 -17.42 -2.28 2.82
N THR A 577 -17.66 -3.44 2.18
CA THR A 577 -16.62 -4.49 2.05
C THR A 577 -16.02 -4.52 0.63
N ASN A 578 -16.36 -3.53 -0.20
CA ASN A 578 -15.75 -3.38 -1.53
C ASN A 578 -16.02 -1.95 -2.02
N SER A 579 -15.26 -0.99 -1.47
CA SER A 579 -15.62 0.44 -1.51
C SER A 579 -15.08 1.15 -2.77
N TYR A 580 -14.69 0.37 -3.79
CA TYR A 580 -13.90 0.83 -4.96
C TYR A 580 -14.56 1.99 -5.73
N LYS A 581 -15.90 2.04 -5.76
CA LYS A 581 -16.60 3.14 -6.42
C LYS A 581 -17.69 3.72 -5.51
N SER A 582 -17.57 3.49 -4.20
CA SER A 582 -18.53 4.02 -3.23
C SER A 582 -18.27 5.52 -3.03
N ALA A 583 -19.17 6.19 -2.31
CA ALA A 583 -19.15 7.65 -2.14
C ALA A 583 -17.77 8.11 -1.66
N ALA A 584 -17.33 9.27 -2.16
CA ALA A 584 -16.05 9.85 -1.76
C ALA A 584 -16.06 10.12 -0.25
N ASN A 585 -17.21 10.53 0.29
CA ASN A 585 -17.27 10.93 1.69
C ASN A 585 -17.38 9.70 2.60
N LEU A 586 -17.78 8.54 2.04
CA LEU A 586 -17.74 7.25 2.79
C LEU A 586 -16.28 6.80 2.88
N ASN A 587 -15.55 6.94 1.78
CA ASN A 587 -14.19 6.43 1.65
C ASN A 587 -13.19 7.31 2.40
N MET A 588 -13.43 8.62 2.46
CA MET A 588 -12.42 9.57 2.93
C MET A 588 -12.04 9.29 4.39
N ILE A 589 -10.78 9.58 4.71
CA ILE A 589 -10.32 9.52 6.08
C ILE A 589 -11.06 10.61 6.87
N LYS A 590 -11.73 10.16 7.94
CA LYS A 590 -12.42 11.03 8.89
C LYS A 590 -11.39 11.56 9.89
N TRP A 591 -10.89 12.78 9.67
CA TRP A 591 -9.75 13.32 10.45
C TRP A 591 -10.13 13.60 11.91
N GLN A 592 -11.44 13.72 12.22
CA GLN A 592 -11.94 13.82 13.60
C GLN A 592 -11.46 12.61 14.43
N ASN A 593 -11.18 11.48 13.77
CA ASN A 593 -10.79 10.24 14.44
C ASN A 593 -9.41 10.35 15.12
N VAL A 594 -8.58 11.33 14.73
CA VAL A 594 -7.28 11.54 15.40
C VAL A 594 -7.53 12.08 16.82
N VAL A 595 -8.74 12.61 17.07
CA VAL A 595 -9.16 13.03 18.41
C VAL A 595 -10.01 11.91 19.05
N ASP A 596 -11.02 11.42 18.32
CA ASP A 596 -11.98 10.44 18.85
C ASP A 596 -11.28 9.13 19.24
N TYR A 597 -10.13 8.83 18.59
CA TYR A 597 -9.34 7.63 18.88
C TYR A 597 -7.85 7.98 19.09
N ALA A 598 -7.58 9.13 19.70
CA ALA A 598 -6.20 9.60 19.93
C ALA A 598 -5.41 8.56 20.75
N ASP A 599 -6.08 7.90 21.70
CA ASP A 599 -5.46 6.88 22.53
C ASP A 599 -5.00 5.70 21.66
N VAL A 600 -5.80 5.31 20.67
CA VAL A 600 -5.47 4.16 19.81
C VAL A 600 -4.29 4.53 18.90
N VAL A 601 -4.31 5.76 18.37
CA VAL A 601 -3.19 6.27 17.56
C VAL A 601 -1.90 6.16 18.38
N SER A 602 -1.98 6.58 19.65
CA SER A 602 -0.86 6.56 20.60
C SER A 602 -0.35 5.13 20.84
N TYR A 603 -1.26 4.16 20.90
CA TYR A 603 -0.90 2.76 21.09
C TYR A 603 -0.09 2.25 19.90
N TYR A 604 -0.61 2.50 18.69
CA TYR A 604 0.08 2.11 17.46
C TYR A 604 1.47 2.77 17.42
N LYS A 605 1.51 4.07 17.71
CA LYS A 605 2.72 4.87 17.68
C LYS A 605 3.79 4.20 18.56
N GLY A 606 3.37 3.77 19.77
CA GLY A 606 4.24 3.08 20.73
C GLY A 606 4.70 1.72 20.24
N MET A 607 3.78 0.92 19.68
CA MET A 607 4.11 -0.44 19.20
C MET A 607 5.14 -0.37 18.07
N MET A 608 5.01 0.64 17.19
CA MET A 608 5.94 0.87 16.08
C MET A 608 7.35 1.08 16.64
N GLN A 609 7.46 1.85 17.72
CA GLN A 609 8.74 2.10 18.39
C GLN A 609 9.35 0.79 18.87
N ILE A 610 8.52 -0.10 19.45
CA ILE A 610 9.02 -1.36 20.00
C ILE A 610 9.66 -2.17 18.88
N LYS A 611 8.96 -2.33 17.75
CA LYS A 611 9.46 -3.16 16.66
C LYS A 611 10.80 -2.61 16.15
N SER A 612 10.88 -1.29 15.97
CA SER A 612 12.07 -0.66 15.41
C SER A 612 13.25 -0.68 16.39
N ALA A 613 13.02 -1.00 17.67
CA ALA A 613 14.08 -1.00 18.70
C ALA A 613 14.72 -2.39 18.86
N PHE A 614 14.02 -3.44 18.42
CA PHE A 614 14.38 -4.84 18.73
C PHE A 614 14.64 -5.61 17.43
N SER A 615 15.93 -5.87 17.15
CA SER A 615 16.41 -6.34 15.85
C SER A 615 15.73 -7.63 15.38
N PRO A 616 15.51 -8.66 16.24
CA PRO A 616 14.89 -9.91 15.77
C PRO A 616 13.57 -9.69 14.99
N LEU A 617 12.79 -8.67 15.39
CA LEU A 617 11.48 -8.41 14.78
C LEU A 617 11.62 -7.86 13.36
N THR A 618 12.75 -7.20 13.05
CA THR A 618 12.95 -6.57 11.74
C THR A 618 14.02 -7.30 10.92
N ALA A 619 14.31 -8.55 11.29
CA ALA A 619 15.27 -9.38 10.55
C ALA A 619 14.72 -9.67 9.15
N MET A 620 15.61 -9.64 8.16
CA MET A 620 15.30 -9.99 6.77
C MET A 620 15.34 -11.51 6.57
N ASP A 621 16.25 -12.17 7.29
CA ASP A 621 16.56 -13.59 7.06
C ASP A 621 16.05 -14.42 8.24
N ASN A 622 16.44 -15.70 8.26
CA ASN A 622 15.89 -16.71 9.16
C ASN A 622 16.78 -16.91 10.40
N SER A 623 17.72 -15.97 10.62
CA SER A 623 18.72 -15.97 11.72
C SER A 623 18.08 -16.24 13.08
N TYR A 624 16.85 -15.77 13.30
CA TYR A 624 16.24 -15.70 14.63
C TYR A 624 15.16 -16.78 14.81
N ALA A 625 14.91 -17.59 13.78
CA ALA A 625 13.84 -18.57 13.79
C ALA A 625 14.00 -19.53 15.00
N ASP A 626 15.23 -20.00 15.24
CA ASP A 626 15.48 -20.98 16.30
C ASP A 626 15.75 -20.28 17.64
N LYS A 627 15.50 -18.96 17.72
CA LYS A 627 15.68 -18.17 18.96
C LYS A 627 14.32 -17.89 19.63
N TYR A 628 13.24 -18.46 19.07
CA TYR A 628 11.90 -18.34 19.64
C TYR A 628 11.61 -19.57 20.50
N THR A 629 11.02 -19.32 21.68
CA THR A 629 10.50 -20.38 22.54
C THR A 629 9.02 -20.09 22.83
N PHE A 630 8.15 -20.84 22.15
CA PHE A 630 6.70 -20.77 22.34
C PHE A 630 6.30 -21.62 23.55
N THR A 631 5.49 -21.04 24.42
CA THR A 631 5.02 -21.68 25.63
C THR A 631 4.17 -22.90 25.28
N LYS A 632 3.21 -22.70 24.37
CA LYS A 632 2.40 -23.79 23.82
C LYS A 632 2.89 -24.10 22.40
N LYS A 633 2.45 -25.24 21.86
CA LYS A 633 2.73 -25.57 20.48
C LYS A 633 2.23 -24.44 19.59
N VAL A 634 2.96 -24.17 18.49
CA VAL A 634 2.61 -23.09 17.57
C VAL A 634 1.19 -23.33 17.03
N SER A 635 0.80 -24.61 16.89
CA SER A 635 -0.49 -25.04 16.34
C SER A 635 -1.63 -24.98 17.37
N ALA A 636 -1.34 -24.64 18.64
CA ALA A 636 -2.26 -24.84 19.75
C ALA A 636 -3.55 -24.04 19.54
N SER A 637 -4.68 -24.69 19.87
CA SER A 637 -5.93 -24.03 20.12
C SER A 637 -5.90 -23.47 21.55
N THR A 638 -5.81 -22.14 21.68
CA THR A 638 -5.54 -21.50 22.95
C THR A 638 -6.11 -20.08 22.99
N ASN A 639 -6.42 -19.61 24.20
CA ASN A 639 -6.80 -18.23 24.46
C ASN A 639 -5.55 -17.37 24.75
N GLN A 640 -4.42 -18.01 25.09
CA GLN A 640 -3.18 -17.30 25.40
C GLN A 640 -2.03 -17.87 24.56
N ILE A 641 -1.52 -17.02 23.66
CA ILE A 641 -0.30 -17.26 22.91
C ILE A 641 0.84 -16.53 23.64
N SER A 642 1.95 -17.24 23.91
CA SER A 642 3.13 -16.58 24.47
C SER A 642 4.41 -17.19 23.90
N PHE A 643 5.44 -16.35 23.80
CA PHE A 643 6.74 -16.75 23.30
C PHE A 643 7.79 -15.76 23.80
N THR A 644 9.04 -16.23 23.85
CA THR A 644 10.20 -15.39 24.09
C THR A 644 11.08 -15.40 22.84
N ILE A 645 11.86 -14.34 22.66
CA ILE A 645 12.81 -14.19 21.57
C ILE A 645 14.17 -13.81 22.16
N GLN A 646 15.18 -14.63 21.86
CA GLN A 646 16.59 -14.39 22.25
C GLN A 646 17.25 -13.52 21.17
N ASN A 647 17.76 -12.35 21.60
CA ASN A 647 18.47 -11.40 20.75
C ASN A 647 19.98 -11.66 20.85
N ASP A 648 20.74 -11.11 19.88
CA ASP A 648 22.20 -11.24 19.83
C ASP A 648 22.86 -9.91 19.45
N VAL A 649 22.08 -8.82 19.41
CA VAL A 649 22.59 -7.52 19.04
C VAL A 649 22.99 -6.77 20.31
N GLU A 650 24.28 -6.43 20.39
CA GLU A 650 24.83 -5.68 21.50
C GLU A 650 24.26 -4.25 21.48
N GLY A 651 23.87 -3.77 22.66
CA GLY A 651 23.26 -2.46 22.84
C GLY A 651 21.74 -2.50 22.74
N GLU A 652 21.17 -3.70 22.53
CA GLU A 652 19.72 -3.91 22.48
C GLU A 652 19.31 -4.78 23.67
N TRP A 653 18.00 -4.86 23.91
CA TRP A 653 17.43 -5.80 24.88
C TRP A 653 17.89 -7.22 24.54
N ASN A 654 18.13 -8.04 25.57
CA ASN A 654 18.66 -9.40 25.39
C ASN A 654 17.55 -10.38 25.00
N LYS A 655 16.38 -10.22 25.61
CA LYS A 655 15.26 -11.13 25.41
C LYS A 655 13.94 -10.38 25.58
N MET A 656 12.97 -10.72 24.72
CA MET A 656 11.63 -10.17 24.76
C MET A 656 10.65 -11.32 25.06
N ALA A 657 9.68 -11.05 25.93
CA ALA A 657 8.51 -11.92 26.15
C ALA A 657 7.29 -11.23 25.54
N VAL A 658 6.48 -12.00 24.79
CA VAL A 658 5.26 -11.51 24.17
C VAL A 658 4.10 -12.43 24.56
N ILE A 659 2.99 -11.82 25.02
CA ILE A 659 1.79 -12.56 25.39
C ILE A 659 0.56 -11.90 24.75
N TYR A 660 -0.25 -12.71 24.06
CA TYR A 660 -1.56 -12.29 23.54
C TYR A 660 -2.66 -13.04 24.30
N ASN A 661 -3.58 -12.30 24.95
CA ASN A 661 -4.70 -12.88 25.67
C ASN A 661 -6.03 -12.45 25.03
N ASN A 662 -6.75 -13.39 24.41
CA ASN A 662 -8.04 -13.07 23.76
C ASN A 662 -9.23 -13.45 24.66
N ALA A 663 -8.95 -13.90 25.90
CA ALA A 663 -10.03 -14.28 26.82
C ALA A 663 -10.75 -13.02 27.32
N THR A 664 -11.99 -13.21 27.79
CA THR A 664 -12.81 -12.14 28.36
C THR A 664 -12.48 -11.92 29.84
N THR A 665 -11.50 -12.68 30.36
CA THR A 665 -10.99 -12.51 31.73
C THR A 665 -9.46 -12.39 31.69
N ALA A 666 -8.91 -11.77 32.73
CA ALA A 666 -7.48 -11.74 32.96
C ALA A 666 -6.98 -13.20 33.05
N ALA A 667 -5.79 -13.46 32.51
CA ALA A 667 -5.18 -14.79 32.60
C ALA A 667 -3.77 -14.68 33.18
N ASP A 668 -3.41 -15.66 34.01
CA ASP A 668 -2.04 -15.82 34.49
C ASP A 668 -1.33 -16.78 33.54
N VAL A 669 -0.29 -16.27 32.88
CA VAL A 669 0.44 -16.98 31.86
C VAL A 669 1.86 -17.23 32.36
N THR A 670 2.24 -18.51 32.44
CA THR A 670 3.59 -18.91 32.83
C THR A 670 4.38 -19.31 31.58
N LEU A 671 5.47 -18.57 31.31
CA LEU A 671 6.36 -18.86 30.17
C LEU A 671 7.03 -20.22 30.40
N SER A 672 7.24 -20.96 29.30
CA SER A 672 8.00 -22.21 29.36
C SER A 672 9.50 -21.87 29.46
N ASP A 673 9.90 -20.73 28.90
CA ASP A 673 11.27 -20.23 28.95
C ASP A 673 11.50 -19.53 30.29
N THR A 674 12.29 -20.17 31.17
CA THR A 674 12.52 -19.67 32.52
C THR A 674 13.93 -19.07 32.65
N SER A 675 14.60 -18.85 31.53
CA SER A 675 16.01 -18.37 31.50
C SER A 675 16.12 -16.93 32.03
N VAL A 676 15.03 -16.16 31.96
CA VAL A 676 14.97 -14.78 32.48
C VAL A 676 13.83 -14.69 33.50
N THR A 677 14.12 -14.16 34.70
CA THR A 677 13.12 -14.03 35.75
C THR A 677 13.06 -12.61 36.33
N ASP A 678 13.67 -11.64 35.65
CA ASP A 678 13.55 -10.23 36.01
C ASP A 678 13.18 -9.44 34.73
N TRP A 679 11.96 -8.91 34.69
CA TRP A 679 11.35 -8.32 33.48
C TRP A 679 10.95 -6.86 33.72
N VAL A 680 10.98 -6.09 32.61
CA VAL A 680 10.41 -4.75 32.51
C VAL A 680 9.32 -4.79 31.44
N VAL A 681 8.09 -4.40 31.82
CA VAL A 681 6.95 -4.36 30.90
C VAL A 681 7.03 -3.06 30.09
N ILE A 682 6.89 -3.17 28.75
CA ILE A 682 6.95 -1.98 27.87
C ILE A 682 5.67 -1.84 27.03
N ALA A 683 4.79 -2.85 27.00
CA ALA A 683 3.44 -2.71 26.45
C ALA A 683 2.45 -3.50 27.30
N ASN A 684 1.25 -2.92 27.50
CA ASN A 684 0.17 -3.57 28.25
C ASN A 684 -1.16 -3.18 27.56
N GLY A 685 -2.28 -3.31 28.27
CA GLY A 685 -3.60 -2.99 27.71
C GLY A 685 -3.84 -1.48 27.60
N GLU A 686 -2.97 -0.69 28.24
CA GLU A 686 -3.16 0.75 28.38
C GLU A 686 -2.26 1.52 27.41
N THR A 687 -0.99 1.11 27.29
CA THR A 687 0.00 1.88 26.52
C THR A 687 1.10 0.94 25.99
N ALA A 688 1.81 1.41 24.97
CA ALA A 688 2.96 0.75 24.40
C ALA A 688 4.03 1.80 24.10
N GLY A 689 5.30 1.40 24.16
CA GLY A 689 6.42 2.31 23.95
C GLY A 689 7.71 1.76 24.51
N LEU A 690 8.64 2.66 24.84
CA LEU A 690 9.99 2.32 25.22
C LEU A 690 10.22 2.50 26.73
N ASP A 691 9.23 3.00 27.46
CA ASP A 691 9.36 3.26 28.91
C ASP A 691 8.87 2.05 29.72
N SER A 692 9.48 1.86 30.88
CA SER A 692 9.05 0.88 31.85
C SER A 692 7.62 1.20 32.31
N LEU A 693 6.73 0.20 32.25
CA LEU A 693 5.37 0.30 32.78
C LEU A 693 5.26 -0.46 34.11
N GLY A 694 6.39 -0.98 34.60
CA GLY A 694 6.43 -1.81 35.80
C GLY A 694 7.32 -3.03 35.57
N GLU A 695 7.53 -3.80 36.64
CA GLU A 695 8.44 -4.94 36.60
C GLU A 695 7.71 -6.21 37.03
N VAL A 696 8.30 -7.35 36.64
CA VAL A 696 7.79 -8.67 36.95
C VAL A 696 8.98 -9.55 37.36
N THR A 697 8.84 -10.23 38.49
CA THR A 697 9.80 -11.23 38.96
C THR A 697 9.20 -12.61 38.74
N GLY A 698 9.99 -13.51 38.12
CA GLY A 698 9.57 -14.87 37.83
C GLY A 698 9.19 -15.04 36.37
N SER A 699 8.33 -16.03 36.10
CA SER A 699 7.97 -16.45 34.75
C SER A 699 6.46 -16.29 34.49
N THR A 700 5.72 -15.80 35.49
CA THR A 700 4.27 -15.68 35.41
C THR A 700 3.86 -14.20 35.28
N PHE A 701 2.99 -13.93 34.30
CA PHE A 701 2.45 -12.59 34.03
C PHE A 701 0.92 -12.64 34.13
N THR A 702 0.33 -11.61 34.77
CA THR A 702 -1.11 -11.41 34.74
C THR A 702 -1.43 -10.53 33.52
N VAL A 703 -2.14 -11.11 32.56
CA VAL A 703 -2.49 -10.45 31.30
C VAL A 703 -3.98 -10.11 31.33
N PRO A 704 -4.36 -8.81 31.31
CA PRO A 704 -5.76 -8.42 31.28
C PRO A 704 -6.50 -9.04 30.08
N ALA A 705 -7.82 -9.16 30.20
CA ALA A 705 -8.69 -9.65 29.13
C ALA A 705 -8.42 -8.84 27.85
N ARG A 706 -8.37 -9.55 26.72
CA ARG A 706 -8.34 -8.97 25.38
C ARG A 706 -7.19 -7.96 25.29
N SER A 707 -5.99 -8.39 25.68
CA SER A 707 -4.86 -7.50 25.71
C SER A 707 -3.55 -8.29 25.55
N ALA A 708 -2.48 -7.54 25.31
CA ALA A 708 -1.14 -8.07 25.14
C ALA A 708 -0.25 -7.57 26.30
N ILE A 709 0.81 -8.33 26.56
CA ILE A 709 1.96 -7.87 27.35
C ILE A 709 3.21 -8.07 26.49
N VAL A 710 4.02 -7.00 26.42
CA VAL A 710 5.39 -7.08 25.91
C VAL A 710 6.34 -6.69 27.06
N ALA A 711 7.29 -7.59 27.34
CA ALA A 711 8.28 -7.39 28.40
C ALA A 711 9.66 -7.72 27.85
N VAL A 712 10.69 -7.11 28.45
CA VAL A 712 12.08 -7.35 28.10
C VAL A 712 12.88 -7.55 29.39
N ASP A 713 14.02 -8.24 29.26
CA ASP A 713 14.86 -8.58 30.41
C ASP A 713 15.34 -7.28 31.07
N LYS A 714 15.24 -7.24 32.40
CA LYS A 714 15.60 -6.07 33.21
C LYS A 714 17.04 -5.64 32.93
N ALA A 715 17.96 -6.62 32.92
CA ALA A 715 19.38 -6.35 32.72
C ALA A 715 19.60 -5.59 31.41
N GLY A 716 18.98 -6.10 30.32
CA GLY A 716 19.04 -5.51 29.00
C GLY A 716 18.37 -4.16 28.95
N TYR A 717 17.22 -4.01 29.63
CA TYR A 717 16.52 -2.72 29.67
C TYR A 717 17.44 -1.65 30.25
N GLU A 718 18.13 -1.98 31.35
CA GLU A 718 19.04 -1.05 32.03
C GLU A 718 20.23 -0.73 31.12
N SER A 719 20.87 -1.76 30.56
CA SER A 719 22.15 -1.61 29.86
C SER A 719 21.94 -0.90 28.51
N ALA A 720 20.84 -1.21 27.81
CA ALA A 720 20.62 -0.72 26.44
C ALA A 720 20.37 0.80 26.42
N GLY A 721 19.69 1.30 27.47
CA GLY A 721 19.39 2.72 27.61
C GLY A 721 18.41 3.20 26.56
N ILE A 722 17.58 2.28 26.05
CA ILE A 722 16.50 2.60 25.15
C ILE A 722 15.33 3.04 26.02
N HIS A 723 14.84 4.25 25.73
CA HIS A 723 13.88 4.95 26.57
C HIS A 723 13.06 5.87 25.66
N SER A 724 11.87 6.26 26.12
CA SER A 724 10.99 7.11 25.33
C SER A 724 11.41 8.58 25.48
N SER A 725 11.33 9.32 24.37
CA SER A 725 11.39 10.78 24.37
C SER A 725 9.99 11.37 24.17
N LYS A 726 8.96 10.51 24.11
CA LYS A 726 7.56 10.95 24.02
C LYS A 726 7.07 11.36 25.42
N GLY A 727 6.06 12.23 25.46
CA GLY A 727 5.32 12.59 26.68
C GLY A 727 3.94 11.95 26.68
N LYS A 728 3.30 11.88 27.85
CA LYS A 728 2.02 11.19 27.99
C LYS A 728 0.95 12.12 28.60
N VAL A 729 -0.30 11.85 28.25
CA VAL A 729 -1.47 12.45 28.89
C VAL A 729 -2.39 11.31 29.32
N LYS A 730 -2.73 11.24 30.60
CA LYS A 730 -3.67 10.25 31.11
C LYS A 730 -5.03 10.93 31.25
N VAL A 731 -6.06 10.32 30.64
CA VAL A 731 -7.42 10.84 30.64
C VAL A 731 -8.27 9.94 31.54
N ASN A 732 -8.86 10.53 32.58
CA ASN A 732 -9.72 9.85 33.56
C ASN A 732 -11.16 10.35 33.41
N TYR A 733 -12.10 9.46 33.76
CA TYR A 733 -13.52 9.72 33.69
C TYR A 733 -14.15 9.31 35.02
N VAL A 734 -14.54 10.31 35.82
CA VAL A 734 -14.87 10.15 37.25
C VAL A 734 -16.27 10.71 37.54
N TYR A 735 -17.04 9.95 38.30
CA TYR A 735 -18.33 10.40 38.86
C TYR A 735 -18.03 11.31 40.06
N GLU A 736 -18.34 12.61 39.93
CA GLU A 736 -17.88 13.63 40.85
C GLU A 736 -18.32 13.30 42.29
N ALA A 737 -19.55 12.78 42.44
CA ALA A 737 -20.17 12.63 43.75
C ALA A 737 -19.49 11.55 44.59
N THR A 738 -18.91 10.52 43.95
CA THR A 738 -18.33 9.35 44.65
C THR A 738 -16.81 9.27 44.45
N GLY A 739 -16.29 9.89 43.39
CA GLY A 739 -14.87 9.81 43.03
C GLY A 739 -14.52 8.54 42.27
N GLU A 740 -15.54 7.71 41.95
CA GLU A 740 -15.34 6.43 41.27
C GLU A 740 -15.25 6.66 39.76
N LYS A 741 -14.42 5.84 39.10
CA LYS A 741 -14.26 5.88 37.65
C LYS A 741 -15.50 5.28 36.98
N LEU A 742 -15.98 5.96 35.92
CA LEU A 742 -17.12 5.51 35.13
C LEU A 742 -16.65 4.66 33.94
N GLU A 743 -15.36 4.72 33.63
CA GLU A 743 -14.75 4.11 32.47
C GLU A 743 -13.25 4.05 32.71
N ASP A 744 -12.58 3.05 32.11
CA ASP A 744 -11.13 2.90 32.21
C ASP A 744 -10.44 4.17 31.67
N SER A 745 -9.40 4.62 32.38
CA SER A 745 -8.54 5.70 31.91
C SER A 745 -7.82 5.27 30.64
N VAL A 746 -7.45 6.24 29.79
CA VAL A 746 -6.65 5.96 28.59
C VAL A 746 -5.40 6.85 28.60
N ILE A 747 -4.42 6.45 27.77
CA ILE A 747 -3.15 7.14 27.66
C ILE A 747 -3.00 7.66 26.22
N LEU A 748 -2.78 8.97 26.11
CA LEU A 748 -2.28 9.60 24.88
C LEU A 748 -0.75 9.74 25.02
N GLN A 749 -0.06 9.67 23.88
CA GLN A 749 1.39 9.70 23.86
C GLN A 749 1.85 10.38 22.56
N GLY A 750 2.75 11.36 22.67
CA GLY A 750 3.29 12.06 21.50
C GLY A 750 4.53 12.88 21.81
N SER A 751 5.13 13.43 20.75
CA SER A 751 6.36 14.22 20.82
C SER A 751 6.15 15.40 21.77
N VAL A 752 7.17 15.65 22.63
CA VAL A 752 7.15 16.78 23.55
C VAL A 752 6.99 18.05 22.72
N GLY A 753 6.06 18.92 23.14
CA GLY A 753 5.82 20.21 22.50
C GLY A 753 4.81 20.15 21.37
N SER A 754 4.37 18.94 20.97
CA SER A 754 3.32 18.78 19.97
C SER A 754 1.94 18.83 20.65
N GLY A 755 0.92 19.23 19.88
CA GLY A 755 -0.42 19.48 20.38
C GLY A 755 -1.25 18.21 20.51
N TYR A 756 -2.05 18.15 21.57
CA TYR A 756 -3.02 17.08 21.79
C TYR A 756 -4.37 17.69 22.15
N VAL A 757 -5.43 16.91 21.85
CA VAL A 757 -6.79 17.22 22.23
C VAL A 757 -7.42 15.96 22.82
N THR A 758 -7.89 16.07 24.07
CA THR A 758 -8.69 15.04 24.71
C THR A 758 -10.17 15.39 24.55
N VAL A 759 -11.03 14.37 24.65
CA VAL A 759 -12.48 14.54 24.65
C VAL A 759 -13.08 13.64 25.73
N PRO A 760 -14.32 13.93 26.20
CA PRO A 760 -15.05 13.02 27.08
C PRO A 760 -15.19 11.63 26.45
N SER A 761 -15.36 10.60 27.28
CA SER A 761 -15.51 9.24 26.80
C SER A 761 -16.83 9.11 26.04
N ALA A 762 -16.76 8.62 24.81
CA ALA A 762 -17.91 8.47 23.94
C ALA A 762 -18.82 7.32 24.42
N VAL A 763 -18.32 6.44 25.29
CA VAL A 763 -19.06 5.21 25.66
C VAL A 763 -19.79 5.38 27.01
N ILE A 764 -19.52 6.46 27.75
CA ILE A 764 -20.19 6.65 29.02
C ILE A 764 -21.68 6.87 28.75
N PRO A 765 -22.58 6.21 29.50
CA PRO A 765 -24.02 6.35 29.29
C PRO A 765 -24.46 7.82 29.21
N ASP A 766 -25.49 8.09 28.41
CA ASP A 766 -25.97 9.44 28.16
C ASP A 766 -26.72 9.97 29.40
N THR A 767 -26.82 9.17 30.47
CA THR A 767 -27.37 9.59 31.76
C THR A 767 -26.28 10.21 32.67
N TYR A 768 -25.08 10.40 32.13
CA TYR A 768 -24.05 11.19 32.79
C TYR A 768 -23.58 12.29 31.82
N ILE A 769 -23.27 13.47 32.36
CA ILE A 769 -22.76 14.58 31.57
C ILE A 769 -21.57 15.21 32.31
N VAL A 770 -20.60 15.72 31.53
CA VAL A 770 -19.43 16.37 32.10
C VAL A 770 -19.89 17.68 32.77
N SER A 771 -19.52 17.83 34.05
CA SER A 771 -19.82 19.02 34.85
C SER A 771 -18.55 19.85 35.09
N ARG A 772 -17.38 19.21 35.08
CA ARG A 772 -16.12 19.86 35.44
C ARG A 772 -14.96 19.09 34.80
N ILE A 773 -13.89 19.83 34.47
CA ILE A 773 -12.66 19.26 33.94
C ILE A 773 -11.50 19.70 34.83
N GLY A 774 -10.71 18.72 35.29
CA GLY A 774 -9.43 18.96 35.96
C GLY A 774 -8.28 18.74 35.00
N GLY A 775 -7.34 19.70 34.97
CA GLY A 775 -6.22 19.69 34.04
C GLY A 775 -6.60 20.29 32.70
N ASN A 776 -5.69 20.19 31.73
CA ASN A 776 -5.86 20.80 30.42
C ASN A 776 -6.37 19.76 29.42
N ALA A 777 -7.63 19.95 28.99
CA ALA A 777 -8.28 19.10 28.00
C ALA A 777 -7.50 19.15 26.68
N GLU A 778 -6.88 20.31 26.41
CA GLU A 778 -6.08 20.57 25.22
C GLU A 778 -4.77 21.22 25.66
N GLY A 779 -3.66 20.82 25.03
CA GLY A 779 -2.37 21.43 25.32
C GLY A 779 -1.24 20.80 24.53
N LYS A 780 -0.03 20.90 25.10
CA LYS A 780 1.17 20.35 24.50
C LYS A 780 1.74 19.29 25.45
N TYR A 781 2.27 18.21 24.86
CA TYR A 781 2.95 17.16 25.63
C TYR A 781 4.17 17.74 26.33
N THR A 782 4.40 17.27 27.55
CA THR A 782 5.60 17.52 28.33
C THR A 782 6.23 16.17 28.67
N SER A 783 7.50 16.17 29.10
CA SER A 783 8.18 14.92 29.44
C SER A 783 7.49 14.26 30.63
N ASP A 784 7.11 15.07 31.63
N ASP A 784 7.12 15.07 31.64
CA ASP A 784 6.36 14.64 32.80
CA ASP A 784 6.37 14.59 32.80
C ASP A 784 4.90 14.39 32.36
C ASP A 784 4.90 14.40 32.39
N MET A 785 4.34 13.25 32.77
CA MET A 785 2.97 12.86 32.42
C MET A 785 1.99 13.88 33.01
N GLN A 786 1.04 14.32 32.18
CA GLN A 786 -0.04 15.19 32.60
C GLN A 786 -1.31 14.35 32.75
N GLU A 787 -2.23 14.82 33.59
CA GLU A 787 -3.52 14.15 33.80
C GLU A 787 -4.67 15.12 33.49
N VAL A 788 -5.68 14.60 32.80
CA VAL A 788 -6.93 15.28 32.55
C VAL A 788 -8.05 14.40 33.11
N THR A 789 -8.89 14.98 33.96
CA THR A 789 -10.04 14.27 34.50
C THR A 789 -11.33 14.97 34.08
N TYR A 790 -12.18 14.22 33.38
CA TYR A 790 -13.57 14.59 33.12
C TYR A 790 -14.44 14.13 34.30
N TYR A 791 -14.98 15.12 35.02
CA TYR A 791 -15.90 14.87 36.14
C TYR A 791 -17.35 14.92 35.62
N TYR A 792 -18.14 13.92 36.01
CA TYR A 792 -19.49 13.69 35.50
C TYR A 792 -20.53 13.82 36.62
N THR A 793 -21.73 14.26 36.22
CA THR A 793 -22.85 14.43 37.10
C THR A 793 -24.08 13.78 36.45
N ASP A 794 -25.17 13.66 37.22
CA ASP A 794 -26.40 13.05 36.73
C ASP A 794 -27.05 13.94 35.66
N TYR A 795 -27.67 13.28 34.68
CA TYR A 795 -28.24 13.93 33.50
C TYR A 795 -29.33 13.04 32.89
N ILE A 796 -30.32 13.67 32.27
CA ILE A 796 -31.32 13.01 31.43
C ILE A 796 -31.27 13.63 30.04
N PRO A 797 -30.96 12.87 28.97
CA PRO A 797 -30.82 13.43 27.63
C PRO A 797 -32.16 13.68 26.93
C1 GLC B . -16.80 -18.27 -0.07
C2 GLC B . -16.18 -18.50 1.32
C3 GLC B . -14.70 -18.09 1.37
C4 GLC B . -13.94 -18.70 0.20
C5 GLC B . -14.63 -18.27 -1.09
C6 GLC B . -13.92 -18.74 -2.36
O1 GLC B . -17.02 -16.87 -0.28
O2 GLC B . -16.90 -17.74 2.29
O3 GLC B . -14.10 -18.47 2.62
O4 GLC B . -12.59 -18.19 0.27
O5 GLC B . -15.96 -18.80 -1.10
O6 GLC B . -14.07 -20.16 -2.52
C1 GLC B . -11.55 -19.18 0.33
C2 GLC B . -10.56 -18.77 1.42
C3 GLC B . -9.88 -17.45 1.05
C4 GLC B . -9.30 -17.50 -0.36
C5 GLC B . -10.37 -18.00 -1.34
C6 GLC B . -9.90 -18.11 -2.79
O2 GLC B . -11.28 -18.61 2.63
O3 GLC B . -8.85 -17.13 2.00
O4 GLC B . -8.98 -16.15 -0.71
O5 GLC B . -10.85 -19.29 -0.91
O6 GLC B . -8.84 -19.05 -2.85
C1 GLC B . -7.62 -15.87 -1.04
C2 GLC B . -7.21 -14.63 -0.25
C3 GLC B . -8.08 -13.47 -0.65
C4 GLC B . -8.02 -13.25 -2.17
C5 GLC B . -8.30 -14.55 -2.93
C6 GLC B . -8.05 -14.41 -4.43
O2 GLC B . -7.36 -14.86 1.16
O3 GLC B . -7.69 -12.28 0.05
O4 GLC B . -8.99 -12.24 -2.49
O5 GLC B . -7.46 -15.61 -2.43
O6 GLC B . -8.56 -15.56 -5.11
C1 GLC B . -8.43 -10.95 -2.81
C2 GLC B . -9.27 -9.85 -2.17
C3 GLC B . -10.66 -9.84 -2.79
C4 GLC B . -10.58 -9.73 -4.31
C5 GLC B . -9.65 -10.84 -4.83
C6 GLC B . -9.46 -10.81 -6.35
O2 GLC B . -9.36 -10.05 -0.75
O3 GLC B . -11.40 -8.75 -2.23
O4 GLC B . -11.90 -9.93 -4.84
O5 GLC B . -8.37 -10.73 -4.21
O6 GLC B . -8.99 -9.54 -6.79
C1 GLC B . -12.27 -9.07 -5.94
C2 GLC B . -13.44 -8.20 -5.52
C3 GLC B . -14.66 -9.06 -5.22
C4 GLC B . -14.96 -10.00 -6.39
C5 GLC B . -13.70 -10.76 -6.80
C6 GLC B . -13.93 -11.68 -8.00
O2 GLC B . -13.08 -7.43 -4.36
O3 GLC B . -15.78 -8.22 -4.93
O4 GLC B . -15.99 -10.92 -6.01
O5 GLC B . -12.67 -9.81 -7.09
O6 GLC B . -13.06 -11.32 -9.09
C1 GLC C . -6.68 -6.69 -6.27
C2 GLC C . -6.97 -5.31 -5.70
C3 GLC C . -8.48 -5.08 -5.79
C4 GLC C . -8.89 -5.06 -7.27
C5 GLC C . -8.36 -6.28 -8.04
C6 GLC C . -8.34 -6.02 -9.55
O1 GLC C . -7.28 -7.76 -5.48
O2 GLC C . -6.41 -5.21 -4.38
O3 GLC C . -8.78 -3.86 -5.13
O4 GLC C . -10.33 -5.12 -7.40
O5 GLC C . -7.05 -6.69 -7.65
O6 GLC C . -7.24 -5.19 -9.92
C1 GLC C . -11.00 -3.84 -7.34
C2 GLC C . -12.44 -4.06 -6.87
C3 GLC C . -13.24 -4.78 -7.96
C4 GLC C . -13.15 -3.98 -9.26
C5 GLC C . -11.67 -3.82 -9.64
C6 GLC C . -11.47 -3.12 -10.99
O2 GLC C . -12.47 -4.81 -5.64
O3 GLC C . -14.62 -4.94 -7.61
O4 GLC C . -13.84 -4.69 -10.30
O5 GLC C . -10.99 -3.13 -8.59
O6 GLC C . -11.87 -1.74 -10.93
C1 GLC C . -15.03 -4.00 -10.73
C2 GLC C . -16.12 -5.05 -10.97
C3 GLC C . -15.79 -5.84 -12.25
C4 GLC C . -15.64 -4.89 -13.42
C5 GLC C . -14.53 -3.89 -13.10
C6 GLC C . -14.30 -2.89 -14.24
O2 GLC C . -16.22 -5.93 -9.83
O3 GLC C . -16.81 -6.82 -12.50
O4 GLC C . -15.33 -5.64 -14.62
O5 GLC C . -14.86 -3.17 -11.89
O6 GLC C . -15.18 -1.76 -14.10
C1 GOL D . -9.46 10.34 24.51
O1 GOL D . -9.57 11.73 24.78
C2 GOL D . -10.58 9.52 25.13
O2 GOL D . -11.70 10.33 25.54
C3 GOL D . -11.09 8.43 24.19
O3 GOL D . -12.17 7.71 24.80
C1 GOL E . -7.61 1.59 28.20
O1 GOL E . -6.54 2.44 28.58
C2 GOL E . -7.54 0.29 28.98
O2 GOL E . -7.44 0.57 30.38
C3 GOL E . -8.81 -0.49 28.71
O3 GOL E . -8.72 -1.77 29.34
C1 GOL F . -11.54 16.71 -12.40
O1 GOL F . -10.36 15.93 -12.60
C2 GOL F . -12.23 16.36 -11.09
O2 GOL F . -13.37 17.20 -10.93
C3 GOL F . -12.67 14.91 -11.09
O3 GOL F . -12.40 14.36 -9.80
C1 GOL G . -1.76 12.45 19.50
O1 GOL G . -0.39 12.64 19.81
C2 GOL G . -1.83 12.22 18.00
O2 GOL G . -0.87 11.22 17.66
C3 GOL G . -3.24 11.80 17.60
O3 GOL G . -4.18 12.82 17.96
C1 GOL H . 8.06 1.19 12.72
O1 GOL H . 7.94 2.53 12.21
C2 GOL H . 8.99 0.36 11.84
O2 GOL H . 10.34 0.85 11.91
C3 GOL H . 8.98 -1.10 12.29
O3 GOL H . 7.72 -1.73 12.04
C1 GOL I . -0.30 22.91 17.98
O1 GOL I . 0.57 22.20 18.86
C2 GOL I . -0.29 22.24 16.61
O2 GOL I . 0.82 22.76 15.86
C3 GOL I . -0.17 20.72 16.71
O3 GOL I . 1.16 20.29 17.05
C1 GOL J . 9.03 5.98 -21.90
O1 GOL J . 8.76 6.15 -23.30
C2 GOL J . 10.25 5.09 -21.73
O2 GOL J . 11.38 5.97 -21.56
C3 GOL J . 10.06 4.15 -20.54
O3 GOL J . 9.21 3.03 -20.90
C1 GOL K . 0.94 23.60 -28.55
O1 GOL K . -0.28 23.52 -29.30
C2 GOL K . 1.73 24.81 -29.01
O2 GOL K . 0.84 25.92 -29.22
C3 GOL K . 2.76 25.20 -27.97
O3 GOL K . 4.05 25.29 -28.60
C1 PEG L . 9.47 4.75 13.72
O1 PEG L . 8.17 4.53 14.33
C2 PEG L . 9.66 6.19 13.22
O2 PEG L . 9.99 6.25 11.81
C3 PEG L . 10.17 7.60 11.33
C4 PEG L . 10.16 7.67 9.80
O4 PEG L . 11.44 7.27 9.31
CA CA M . -7.79 8.98 -16.03
#